data_6FPJ
#
_entry.id   6FPJ
#
_cell.length_a   109.150
_cell.length_b   164.770
_cell.length_c   63.350
_cell.angle_alpha   90.000
_cell.angle_beta   90.000
_cell.angle_gamma   90.000
#
_symmetry.space_group_name_H-M   'P 21 21 2'
#
loop_
_entity.id
_entity.type
_entity.pdbx_description
1 polymer 'Glutamate receptor 3'
2 non-polymer 2-acetamido-2-deoxy-beta-D-glucopyranose
3 non-polymer 'PHOSPHATE ION'
4 non-polymer 'DIMETHYL SULFOXIDE'
5 non-polymer GLYCEROL
6 water water
#
_entity_poly.entity_id   1
_entity_poly.type   'polypeptide(L)'
_entity_poly.pdbx_seq_one_letter_code
;GFPNTISIGGLFMRNTVQEHSAFRFAVQLYNTNQNTTEKPFHLNYHVDHLDSSNSFSVTNAFCSQFSRGVYAIFGFYDQM
SMNTLTSFCGALHTSFVTPSFPTDADVQFVIQMRPALKGAILSLLSYYKWEKFVYLYDTERGFSVLQAIMEAAVQNNWQV
TARSVGNIKDVQEFRRIIEEMDRRQEKRYLIDCEVERINTILEQVVILGKHSRGYHYMLANLGFTDILLERVMHGGANIT
GFQIVNNENPMVQQFIQRWVRLDEREFPEAKNAPLKYTSALTHDAILVIAEAFRYLRRQRVDVSRRGSAGDCLANPAVPW
SQGIDIERALKMVQVQGMTGNIQFDTYGRRTNYTIDVYEMKVSGSRKAGYWNEYERFVPFSGTKHHHHHH
;
_entity_poly.pdbx_strand_id   A,B,C
#
loop_
_chem_comp.id
_chem_comp.type
_chem_comp.name
_chem_comp.formula
DMS non-polymer 'DIMETHYL SULFOXIDE' 'C2 H6 O S'
GOL non-polymer GLYCEROL 'C3 H8 O3'
NAG D-saccharide, beta linking 2-acetamido-2-deoxy-beta-D-glucopyranose 'C8 H15 N O6'
PO4 non-polymer 'PHOSPHATE ION' 'O4 P -3'
#
# COMPACT_ATOMS: atom_id res chain seq x y z
N GLY A 1 5.72 -15.75 33.25
CA GLY A 1 6.38 -16.42 32.16
C GLY A 1 5.52 -16.66 30.93
N PHE A 2 6.10 -17.30 29.94
CA PHE A 2 5.42 -17.64 28.65
C PHE A 2 4.31 -18.70 28.92
N PRO A 3 3.12 -18.48 28.40
CA PRO A 3 2.03 -19.38 28.80
C PRO A 3 2.20 -20.82 28.33
N ASN A 4 1.66 -21.76 29.10
CA ASN A 4 1.72 -23.18 28.73
C ASN A 4 0.75 -23.49 27.58
N THR A 5 -0.26 -22.64 27.35
CA THR A 5 -1.21 -22.81 26.30
C THR A 5 -1.35 -21.51 25.48
N ILE A 6 -1.24 -21.63 24.18
CA ILE A 6 -1.55 -20.53 23.28
C ILE A 6 -2.86 -20.86 22.60
N SER A 7 -3.83 -19.96 22.69
CA SER A 7 -5.16 -20.15 22.06
C SER A 7 -5.28 -19.26 20.83
N ILE A 8 -5.78 -19.82 19.74
CA ILE A 8 -6.08 -19.06 18.55
C ILE A 8 -7.56 -19.16 18.21
N GLY A 9 -8.06 -18.15 17.51
CA GLY A 9 -9.41 -18.15 17.01
C GLY A 9 -9.43 -18.82 15.64
N GLY A 10 -10.58 -19.37 15.29
CA GLY A 10 -10.81 -19.89 13.96
C GLY A 10 -12.13 -19.36 13.43
N LEU A 11 -12.10 -18.61 12.34
CA LEU A 11 -13.32 -18.07 11.73
C LEU A 11 -13.57 -18.72 10.40
N PHE A 12 -14.53 -19.62 10.37
CA PHE A 12 -14.81 -20.44 9.20
C PHE A 12 -16.13 -19.98 8.53
N MET A 13 -16.23 -20.20 7.24
CA MET A 13 -17.33 -19.73 6.42
C MET A 13 -18.01 -20.95 5.82
N ARG A 14 -19.12 -20.70 5.14
CA ARG A 14 -19.69 -21.68 4.25
C ARG A 14 -18.68 -22.23 3.20
N ASN A 15 -18.78 -23.50 2.96
CA ASN A 15 -17.93 -24.20 2.00
C ASN A 15 -16.46 -24.24 2.39
N THR A 16 -16.20 -24.34 3.70
CA THR A 16 -14.82 -24.55 4.21
C THR A 16 -14.70 -25.80 5.07
N VAL A 17 -15.53 -26.82 4.76
CA VAL A 17 -15.54 -28.04 5.55
C VAL A 17 -14.18 -28.73 5.54
N GLN A 18 -13.60 -28.93 4.36
CA GLN A 18 -12.30 -29.61 4.28
C GLN A 18 -11.23 -28.81 5.01
N GLU A 19 -11.26 -27.50 4.86
CA GLU A 19 -10.28 -26.64 5.49
C GLU A 19 -10.39 -26.73 7.01
N HIS A 20 -11.63 -26.78 7.52
CA HIS A 20 -11.84 -26.99 8.92
C HIS A 20 -11.25 -28.34 9.43
N SER A 21 -11.47 -29.41 8.68
CA SER A 21 -10.80 -30.69 8.96
C SER A 21 -9.27 -30.54 8.93
N ALA A 22 -8.73 -29.83 7.93
CA ALA A 22 -7.29 -29.64 7.82
C ALA A 22 -6.72 -28.82 8.99
N PHE A 23 -7.49 -27.83 9.44
CA PHE A 23 -7.14 -26.98 10.60
C PHE A 23 -7.04 -27.82 11.87
N ARG A 24 -8.08 -28.62 12.13
CA ARG A 24 -8.06 -29.51 13.30
C ARG A 24 -6.95 -30.54 13.21
N PHE A 25 -6.73 -31.08 12.04
CA PHE A 25 -5.69 -32.08 11.85
C PHE A 25 -4.30 -31.47 12.02
N ALA A 26 -4.08 -30.29 11.43
CA ALA A 26 -2.79 -29.64 11.62
C ALA A 26 -2.51 -29.27 13.07
N VAL A 27 -3.54 -28.85 13.82
CA VAL A 27 -3.38 -28.59 15.26
C VAL A 27 -3.03 -29.88 16.00
N GLN A 28 -3.70 -30.98 15.63
CA GLN A 28 -3.38 -32.29 16.21
C GLN A 28 -1.92 -32.68 15.94
N LEU A 29 -1.45 -32.54 14.71
CA LEU A 29 -0.07 -32.85 14.36
C LEU A 29 0.94 -32.01 15.18
N TYR A 30 0.63 -30.73 15.40
CA TYR A 30 1.46 -29.87 16.26
C TYR A 30 1.48 -30.43 17.71
N ASN A 31 0.29 -30.70 18.27
CA ASN A 31 0.13 -31.06 19.66
C ASN A 31 0.66 -32.46 20.00
N THR A 32 0.66 -33.37 19.05
CA THR A 32 1.06 -34.74 19.35
C THR A 32 2.55 -34.96 19.10
N ASN A 33 3.29 -33.96 18.69
CA ASN A 33 4.76 -34.02 18.71
C ASN A 33 5.26 -34.13 20.17
N GLN A 34 6.07 -35.15 20.46
CA GLN A 34 6.67 -35.35 21.81
C GLN A 34 8.01 -34.59 22.05
N ASN A 35 8.73 -34.31 20.97
CA ASN A 35 9.88 -33.37 21.00
C ASN A 35 9.44 -32.00 21.56
N THR A 36 9.82 -31.73 22.81
CA THR A 36 9.48 -30.53 23.59
C THR A 36 10.08 -29.21 23.08
N THR A 37 11.07 -29.29 22.16
CA THR A 37 11.55 -28.09 21.48
C THR A 37 10.57 -27.68 20.37
N GLU A 38 10.03 -28.67 19.64
CA GLU A 38 9.05 -28.39 18.60
CA GLU A 38 9.05 -28.39 18.59
C GLU A 38 7.66 -28.10 19.19
N LYS A 39 7.42 -28.52 20.45
CA LYS A 39 6.12 -28.32 21.13
C LYS A 39 6.31 -27.86 22.56
N PRO A 40 6.74 -26.60 22.77
CA PRO A 40 6.92 -26.08 24.13
C PRO A 40 5.65 -25.51 24.78
N PHE A 41 4.53 -25.46 24.05
CA PHE A 41 3.25 -25.04 24.59
C PHE A 41 2.15 -25.84 23.90
N HIS A 42 0.99 -25.95 24.54
CA HIS A 42 -0.18 -26.56 23.94
C HIS A 42 -0.83 -25.51 23.02
N LEU A 43 -1.29 -25.95 21.85
CA LEU A 43 -2.09 -25.10 20.96
C LEU A 43 -3.57 -25.46 21.05
N ASN A 44 -4.38 -24.48 21.46
CA ASN A 44 -5.80 -24.61 21.65
C ASN A 44 -6.49 -23.70 20.63
N TYR A 45 -7.74 -24.01 20.30
CA TYR A 45 -8.49 -23.12 19.43
C TYR A 45 -9.96 -23.01 19.84
N HIS A 46 -10.57 -21.93 19.40
CA HIS A 46 -11.99 -21.76 19.51
C HIS A 46 -12.53 -21.34 18.13
N VAL A 47 -13.45 -22.15 17.60
CA VAL A 47 -13.94 -21.96 16.27
C VAL A 47 -15.35 -21.37 16.29
N ASP A 48 -15.60 -20.43 15.38
CA ASP A 48 -16.92 -19.95 15.05
C ASP A 48 -17.14 -20.14 13.57
N HIS A 49 -18.36 -20.56 13.21
CA HIS A 49 -18.80 -20.66 11.85
C HIS A 49 -19.66 -19.48 11.55
N LEU A 50 -19.31 -18.76 10.50
CA LEU A 50 -20.02 -17.60 10.04
C LEU A 50 -21.08 -18.06 9.09
N ASP A 51 -22.34 -17.95 9.57
CA ASP A 51 -23.51 -18.31 8.76
C ASP A 51 -23.62 -17.43 7.52
N SER A 52 -23.07 -16.20 7.55
CA SER A 52 -23.06 -15.34 6.35
C SER A 52 -21.85 -14.47 6.39
N SER A 53 -21.61 -13.74 5.31
CA SER A 53 -20.57 -12.71 5.27
C SER A 53 -21.14 -11.32 5.54
N ASN A 54 -22.43 -11.22 5.88
CA ASN A 54 -22.96 -9.99 6.42
C ASN A 54 -22.34 -9.54 7.80
N SER A 55 -22.33 -8.24 8.01
CA SER A 55 -21.74 -7.61 9.17
C SER A 55 -22.23 -8.08 10.50
N PHE A 56 -23.50 -8.42 10.58
CA PHE A 56 -24.05 -8.89 11.83
C PHE A 56 -23.36 -10.20 12.24
N SER A 57 -23.28 -11.17 11.32
CA SER A 57 -22.68 -12.46 11.60
C SER A 57 -21.20 -12.29 11.90
N VAL A 58 -20.54 -11.46 11.08
CA VAL A 58 -19.10 -11.25 11.20
C VAL A 58 -18.74 -10.59 12.49
N THR A 59 -19.47 -9.52 12.87
CA THR A 59 -19.21 -8.80 14.11
C THR A 59 -19.43 -9.72 15.32
N ASN A 60 -20.55 -10.44 15.33
CA ASN A 60 -20.74 -11.42 16.42
C ASN A 60 -19.59 -12.46 16.58
N ALA A 61 -19.17 -13.01 15.45
CA ALA A 61 -18.11 -14.02 15.48
C ALA A 61 -16.77 -13.42 15.91
N PHE A 62 -16.44 -12.24 15.43
CA PHE A 62 -15.21 -11.61 15.82
C PHE A 62 -15.23 -11.30 17.30
N CYS A 63 -16.34 -10.72 17.76
CA CYS A 63 -16.45 -10.33 19.17
C CYS A 63 -16.42 -11.55 20.14
N SER A 64 -17.03 -12.65 19.72
CA SER A 64 -16.95 -13.90 20.46
C SER A 64 -15.48 -14.38 20.65
N GLN A 65 -14.66 -14.23 19.62
CA GLN A 65 -13.24 -14.65 19.71
C GLN A 65 -12.45 -13.68 20.55
N PHE A 66 -12.75 -12.40 20.36
CA PHE A 66 -12.04 -11.41 21.10
C PHE A 66 -12.25 -11.54 22.60
N SER A 67 -13.49 -11.76 23.01
CA SER A 67 -13.80 -11.90 24.43
C SER A 67 -13.24 -13.19 25.02
N ARG A 68 -13.11 -14.21 24.21
CA ARG A 68 -12.51 -15.45 24.64
C ARG A 68 -11.04 -15.28 25.00
N GLY A 69 -10.40 -14.31 24.36
CA GLY A 69 -8.99 -14.08 24.54
C GLY A 69 -8.24 -15.01 23.62
N VAL A 70 -7.79 -14.50 22.48
CA VAL A 70 -7.03 -15.31 21.53
C VAL A 70 -5.78 -14.51 21.23
N TYR A 71 -4.72 -15.22 20.92
CA TYR A 71 -3.44 -14.58 20.58
C TYR A 71 -3.28 -14.25 19.10
N ALA A 72 -4.17 -14.82 18.25
CA ALA A 72 -4.23 -14.60 16.80
C ALA A 72 -5.52 -15.25 16.30
N ILE A 73 -5.98 -14.88 15.12
CA ILE A 73 -7.18 -15.50 14.53
C ILE A 73 -6.84 -16.04 13.17
N PHE A 74 -7.09 -17.33 12.98
CA PHE A 74 -7.07 -17.96 11.66
C PHE A 74 -8.49 -17.86 11.06
N GLY A 75 -8.60 -17.60 9.79
CA GLY A 75 -9.91 -17.58 9.15
C GLY A 75 -9.97 -17.17 7.73
N PHE A 76 -11.22 -16.98 7.29
CA PHE A 76 -11.55 -16.74 5.91
C PHE A 76 -12.37 -15.48 5.76
N TYR A 77 -12.22 -14.82 4.62
CA TYR A 77 -13.11 -13.71 4.24
C TYR A 77 -13.48 -13.87 2.80
N ASP A 78 -14.52 -13.16 2.40
CA ASP A 78 -14.85 -12.98 0.99
C ASP A 78 -14.92 -11.46 0.70
N GLN A 79 -15.35 -11.09 -0.52
CA GLN A 79 -15.44 -9.67 -0.87
C GLN A 79 -16.31 -8.87 0.07
N MET A 80 -17.38 -9.46 0.58
CA MET A 80 -18.28 -8.79 1.49
CA MET A 80 -18.28 -8.79 1.50
C MET A 80 -17.71 -8.58 2.89
N SER A 81 -16.94 -9.57 3.40
CA SER A 81 -16.50 -9.51 4.78
C SER A 81 -15.06 -9.04 4.96
N MET A 82 -14.27 -8.97 3.88
CA MET A 82 -12.82 -8.74 4.00
CA MET A 82 -12.83 -8.74 4.00
C MET A 82 -12.49 -7.47 4.81
N ASN A 83 -13.06 -6.34 4.42
CA ASN A 83 -12.75 -5.09 5.12
C ASN A 83 -13.27 -5.10 6.52
N THR A 84 -14.48 -5.63 6.73
CA THR A 84 -15.02 -5.69 8.09
C THR A 84 -14.07 -6.45 9.03
N LEU A 85 -13.66 -7.63 8.59
CA LEU A 85 -12.91 -8.51 9.45
C LEU A 85 -11.50 -8.02 9.68
N THR A 86 -10.84 -7.64 8.59
CA THR A 86 -9.46 -7.22 8.70
C THR A 86 -9.33 -5.90 9.44
N SER A 87 -10.31 -5.01 9.30
CA SER A 87 -10.28 -3.73 10.03
C SER A 87 -10.52 -3.95 11.51
N PHE A 88 -11.43 -4.84 11.91
CA PHE A 88 -11.57 -5.22 13.31
C PHE A 88 -10.24 -5.73 13.93
N CYS A 89 -9.61 -6.68 13.22
CA CYS A 89 -8.29 -7.21 13.62
C CYS A 89 -7.24 -6.12 13.78
N GLY A 90 -7.13 -5.28 12.77
CA GLY A 90 -6.24 -4.16 12.72
C GLY A 90 -6.45 -3.14 13.82
N ALA A 91 -7.70 -2.82 14.17
CA ALA A 91 -8.00 -1.87 15.23
C ALA A 91 -7.59 -2.39 16.59
N LEU A 92 -7.70 -3.70 16.81
CA LEU A 92 -7.28 -4.28 18.06
C LEU A 92 -5.88 -4.88 18.05
N HIS A 93 -5.15 -4.75 16.95
CA HIS A 93 -3.78 -5.31 16.84
C HIS A 93 -3.73 -6.85 17.05
N THR A 94 -4.74 -7.54 16.55
CA THR A 94 -4.80 -8.97 16.57
C THR A 94 -4.57 -9.40 15.11
N SER A 95 -3.65 -10.32 14.93
CA SER A 95 -3.30 -10.74 13.60
C SER A 95 -4.27 -11.78 13.07
N PHE A 96 -4.68 -11.59 11.81
CA PHE A 96 -5.56 -12.46 11.10
C PHE A 96 -4.74 -13.26 10.09
N VAL A 97 -4.77 -14.59 10.19
CA VAL A 97 -4.00 -15.45 9.30
C VAL A 97 -4.96 -16.17 8.41
N THR A 98 -4.81 -16.03 7.09
CA THR A 98 -5.87 -16.43 6.17
C THR A 98 -5.40 -17.09 4.90
N PRO A 99 -6.12 -18.14 4.42
CA PRO A 99 -5.87 -18.64 3.08
C PRO A 99 -6.69 -17.97 2.00
N SER A 100 -7.45 -16.92 2.35
CA SER A 100 -8.35 -16.31 1.38
C SER A 100 -7.55 -15.47 0.38
N PHE A 101 -8.21 -14.94 -0.64
CA PHE A 101 -7.53 -14.15 -1.65
C PHE A 101 -6.72 -13.00 -1.00
N PRO A 102 -5.47 -12.79 -1.49
CA PRO A 102 -4.72 -11.66 -0.98
C PRO A 102 -5.24 -10.36 -1.55
N THR A 103 -4.90 -9.25 -0.92
CA THR A 103 -5.17 -7.90 -1.51
C THR A 103 -3.93 -7.22 -2.06
N ASP A 104 -4.13 -6.31 -3.03
CA ASP A 104 -3.11 -5.32 -3.38
C ASP A 104 -2.87 -4.36 -2.24
N ALA A 105 -3.92 -3.92 -1.52
CA ALA A 105 -3.83 -2.89 -0.45
C ALA A 105 -2.76 -3.13 0.60
N ASP A 106 -2.20 -2.03 1.10
CA ASP A 106 -1.25 -2.04 2.20
C ASP A 106 -2.09 -2.16 3.47
N VAL A 107 -2.24 -3.38 4.00
CA VAL A 107 -2.90 -3.57 5.26
C VAL A 107 -1.92 -4.11 6.29
N GLN A 108 -2.20 -3.77 7.54
CA GLN A 108 -1.51 -4.34 8.68
C GLN A 108 -2.36 -5.45 9.31
N PHE A 109 -1.69 -6.29 10.09
CA PHE A 109 -2.34 -7.33 10.90
C PHE A 109 -3.03 -8.42 10.12
N VAL A 110 -2.60 -8.62 8.87
CA VAL A 110 -3.16 -9.69 8.01
C VAL A 110 -2.01 -10.46 7.42
N ILE A 111 -1.95 -11.73 7.77
CA ILE A 111 -0.97 -12.63 7.22
CA ILE A 111 -0.96 -12.63 7.22
C ILE A 111 -1.65 -13.40 6.09
N GLN A 112 -1.25 -13.10 4.86
CA GLN A 112 -1.92 -13.63 3.68
C GLN A 112 -1.19 -14.85 3.14
N MET A 113 -1.66 -16.02 3.54
CA MET A 113 -1.02 -17.28 3.19
C MET A 113 -1.02 -17.57 1.71
N ARG A 114 -2.02 -17.11 0.96
CA ARG A 114 -2.11 -17.39 -0.45
C ARG A 114 -1.26 -16.41 -1.27
N PRO A 115 -0.29 -16.92 -2.05
CA PRO A 115 0.46 -16.03 -2.90
C PRO A 115 -0.39 -15.37 -3.99
N ALA A 116 0.01 -14.17 -4.39
CA ALA A 116 -0.59 -13.48 -5.55
C ALA A 116 -0.30 -14.23 -6.84
N LEU A 117 -1.28 -14.21 -7.73
CA LEU A 117 -1.18 -14.90 -9.00
C LEU A 117 -0.81 -14.01 -10.18
N LYS A 118 -0.93 -12.71 -10.05
CA LYS A 118 -0.80 -11.81 -11.20
C LYS A 118 0.55 -11.89 -11.90
N GLY A 119 1.62 -12.00 -11.14
CA GLY A 119 2.94 -12.08 -11.74
C GLY A 119 3.10 -13.27 -12.67
N ALA A 120 2.66 -14.43 -12.21
CA ALA A 120 2.75 -15.66 -12.98
C ALA A 120 1.86 -15.61 -14.21
N ILE A 121 0.65 -15.07 -14.07
CA ILE A 121 -0.24 -14.89 -15.23
C ILE A 121 0.39 -14.01 -16.30
N LEU A 122 0.87 -12.84 -15.90
CA LEU A 122 1.49 -11.95 -16.88
C LEU A 122 2.73 -12.58 -17.54
N SER A 123 3.54 -13.32 -16.78
CA SER A 123 4.71 -14.00 -17.39
C SER A 123 4.28 -15.03 -18.39
N LEU A 124 3.21 -15.78 -18.12
CA LEU A 124 2.81 -16.83 -19.05
C LEU A 124 2.15 -16.21 -20.28
N LEU A 125 1.36 -15.15 -20.11
CA LEU A 125 0.85 -14.45 -21.28
C LEU A 125 2.00 -14.00 -22.22
N SER A 126 3.07 -13.49 -21.65
CA SER A 126 4.24 -13.08 -22.42
C SER A 126 4.97 -14.30 -23.04
N TYR A 127 5.14 -15.36 -22.25
CA TYR A 127 5.79 -16.55 -22.71
C TYR A 127 5.10 -17.18 -23.92
N TYR A 128 3.77 -17.27 -23.86
CA TYR A 128 3.00 -17.76 -25.04
C TYR A 128 2.82 -16.73 -26.17
N LYS A 129 3.24 -15.50 -25.96
CA LYS A 129 3.10 -14.43 -26.96
C LYS A 129 1.65 -14.16 -27.37
N TRP A 130 0.73 -14.27 -26.42
CA TRP A 130 -0.63 -13.93 -26.66
C TRP A 130 -0.73 -12.43 -27.00
N GLU A 131 -1.52 -12.10 -28.00
CA GLU A 131 -1.85 -10.73 -28.38
C GLU A 131 -3.34 -10.55 -28.28
N LYS A 132 -4.11 -11.14 -29.14
CA LYS A 132 -5.54 -11.16 -29.03
C LYS A 132 -5.96 -12.26 -28.07
N PHE A 133 -6.73 -11.92 -27.03
CA PHE A 133 -7.34 -12.92 -26.16
C PHE A 133 -8.56 -12.44 -25.40
N VAL A 134 -9.33 -13.42 -24.95
CA VAL A 134 -10.51 -13.20 -24.14
C VAL A 134 -10.11 -13.31 -22.69
N TYR A 135 -10.61 -12.38 -21.88
CA TYR A 135 -10.41 -12.39 -20.44
C TYR A 135 -11.80 -12.53 -19.80
N LEU A 136 -12.15 -13.76 -19.37
CA LEU A 136 -13.40 -13.99 -18.65
C LEU A 136 -13.08 -13.98 -17.16
N TYR A 137 -13.75 -13.12 -16.37
CA TYR A 137 -13.44 -13.00 -14.99
C TYR A 137 -14.61 -12.80 -14.09
N ASP A 138 -14.43 -13.18 -12.83
CA ASP A 138 -15.28 -12.74 -11.75
C ASP A 138 -14.42 -11.94 -10.76
N THR A 139 -15.07 -11.29 -9.81
CA THR A 139 -14.38 -10.41 -8.89
C THR A 139 -14.28 -11.00 -7.51
N GLU A 140 -14.50 -12.31 -7.35
CA GLU A 140 -14.54 -12.89 -6.01
CA GLU A 140 -14.54 -12.89 -6.01
C GLU A 140 -13.15 -12.95 -5.34
N ARG A 141 -12.07 -12.79 -6.12
CA ARG A 141 -10.73 -12.75 -5.58
C ARG A 141 -10.12 -11.35 -5.74
N GLY A 142 -10.96 -10.33 -5.84
CA GLY A 142 -10.50 -8.97 -6.14
C GLY A 142 -10.15 -8.64 -7.58
N PHE A 143 -9.54 -7.48 -7.75
CA PHE A 143 -9.29 -6.86 -9.04
C PHE A 143 -7.79 -6.78 -9.41
N SER A 144 -6.96 -7.42 -8.63
CA SER A 144 -5.50 -7.36 -8.84
C SER A 144 -5.05 -7.83 -10.22
N VAL A 145 -5.56 -8.97 -10.67
CA VAL A 145 -5.20 -9.48 -11.98
C VAL A 145 -5.73 -8.55 -13.08
N LEU A 146 -6.99 -8.14 -12.94
CA LEU A 146 -7.62 -7.28 -13.95
C LEU A 146 -6.78 -5.99 -14.11
N GLN A 147 -6.41 -5.37 -12.99
CA GLN A 147 -5.68 -4.13 -13.06
C GLN A 147 -4.29 -4.31 -13.67
N ALA A 148 -3.64 -5.42 -13.36
CA ALA A 148 -2.31 -5.69 -13.91
C ALA A 148 -2.38 -5.89 -15.40
N ILE A 149 -3.41 -6.59 -15.89
CA ILE A 149 -3.58 -6.74 -17.32
C ILE A 149 -3.81 -5.39 -18.00
N MET A 150 -4.70 -4.57 -17.43
CA MET A 150 -4.98 -3.28 -18.03
C MET A 150 -3.76 -2.37 -18.05
N GLU A 151 -2.95 -2.39 -16.98
CA GLU A 151 -1.74 -1.56 -16.91
C GLU A 151 -0.72 -1.92 -18.00
N ALA A 152 -0.58 -3.20 -18.31
CA ALA A 152 0.42 -3.75 -19.24
C ALA A 152 -0.04 -3.87 -20.69
N ALA A 153 -1.35 -3.80 -20.94
CA ALA A 153 -1.87 -4.28 -22.26
C ALA A 153 -1.26 -3.54 -23.48
N VAL A 154 -1.28 -2.21 -23.45
CA VAL A 154 -0.75 -1.47 -24.57
C VAL A 154 0.76 -1.74 -24.79
N GLN A 155 1.54 -1.64 -23.73
CA GLN A 155 2.98 -1.94 -23.83
C GLN A 155 3.27 -3.38 -24.28
N ASN A 156 2.39 -4.35 -24.04
CA ASN A 156 2.65 -5.72 -24.50
C ASN A 156 1.92 -6.10 -25.78
N ASN A 157 1.27 -5.13 -26.39
CA ASN A 157 0.35 -5.31 -27.48
C ASN A 157 -0.74 -6.38 -27.24
N TRP A 158 -1.35 -6.38 -26.06
CA TRP A 158 -2.44 -7.30 -25.77
C TRP A 158 -3.72 -6.59 -26.21
N GLN A 159 -4.54 -7.29 -26.98
CA GLN A 159 -5.86 -6.83 -27.36
C GLN A 159 -6.83 -7.73 -26.59
N VAL A 160 -7.27 -7.24 -25.44
CA VAL A 160 -7.99 -8.01 -24.48
C VAL A 160 -9.47 -7.72 -24.56
N THR A 161 -10.28 -8.72 -24.93
CA THR A 161 -11.72 -8.61 -24.82
C THR A 161 -12.08 -9.14 -23.43
N ALA A 162 -12.43 -8.23 -22.52
CA ALA A 162 -12.78 -8.57 -21.17
C ALA A 162 -14.30 -8.75 -21.05
N ARG A 163 -14.70 -9.80 -20.35
CA ARG A 163 -16.08 -10.01 -20.02
C ARG A 163 -16.22 -10.42 -18.58
N SER A 164 -16.93 -9.60 -17.84
CA SER A 164 -17.25 -9.86 -16.46
C SER A 164 -18.39 -10.90 -16.39
N VAL A 165 -18.16 -12.03 -15.77
CA VAL A 165 -19.14 -13.13 -15.81
C VAL A 165 -19.59 -13.61 -14.44
N GLY A 166 -19.13 -12.97 -13.37
CA GLY A 166 -19.46 -13.45 -12.02
C GLY A 166 -20.93 -13.31 -11.61
N ASN A 167 -21.74 -12.52 -12.34
CA ASN A 167 -23.16 -12.47 -12.03
C ASN A 167 -24.07 -13.34 -12.88
N ILE A 168 -23.50 -14.12 -13.79
CA ILE A 168 -24.29 -14.98 -14.66
C ILE A 168 -24.90 -16.13 -13.85
N LYS A 169 -26.21 -16.26 -13.97
CA LYS A 169 -26.99 -17.39 -13.38
C LYS A 169 -27.41 -18.40 -14.46
N ASP A 170 -27.77 -17.90 -15.62
CA ASP A 170 -28.20 -18.70 -16.76
C ASP A 170 -26.99 -19.15 -17.59
N VAL A 171 -26.72 -20.44 -17.64
CA VAL A 171 -25.56 -20.93 -18.37
C VAL A 171 -25.57 -20.63 -19.87
N GLN A 172 -26.75 -20.40 -20.44
CA GLN A 172 -26.85 -20.01 -21.84
C GLN A 172 -26.10 -18.72 -22.12
N GLU A 173 -26.02 -17.82 -21.14
CA GLU A 173 -25.25 -16.58 -21.29
C GLU A 173 -23.76 -16.87 -21.53
N PHE A 174 -23.22 -17.92 -20.94
CA PHE A 174 -21.84 -18.31 -21.23
C PHE A 174 -21.71 -18.76 -22.69
N ARG A 175 -22.70 -19.50 -23.16
CA ARG A 175 -22.74 -19.92 -24.56
C ARG A 175 -22.82 -18.72 -25.50
N ARG A 176 -23.61 -17.71 -25.16
CA ARG A 176 -23.69 -16.53 -26.00
C ARG A 176 -22.37 -15.77 -26.06
N ILE A 177 -21.69 -15.64 -24.93
CA ILE A 177 -20.38 -14.97 -24.89
C ILE A 177 -19.40 -15.71 -25.76
N ILE A 178 -19.34 -17.01 -25.64
CA ILE A 178 -18.44 -17.81 -26.50
C ILE A 178 -18.74 -17.58 -27.99
N GLU A 179 -20.02 -17.55 -28.36
CA GLU A 179 -20.42 -17.34 -29.77
C GLU A 179 -20.03 -15.93 -30.22
N GLU A 180 -20.20 -14.95 -29.33
CA GLU A 180 -19.72 -13.59 -29.62
C GLU A 180 -18.18 -13.56 -29.83
N MET A 181 -17.45 -14.26 -28.98
CA MET A 181 -16.00 -14.33 -29.10
C MET A 181 -15.57 -15.04 -30.37
N ASP A 182 -16.33 -16.05 -30.81
CA ASP A 182 -16.09 -16.71 -32.12
C ASP A 182 -16.27 -15.77 -33.30
N ARG A 183 -17.19 -14.82 -33.18
CA ARG A 183 -17.40 -13.82 -34.21
C ARG A 183 -16.16 -12.94 -34.33
N ARG A 184 -15.37 -12.90 -33.27
CA ARG A 184 -14.11 -12.13 -33.24
C ARG A 184 -12.90 -12.99 -33.50
N GLN A 185 -13.11 -14.21 -33.93
CA GLN A 185 -12.02 -15.13 -34.24
C GLN A 185 -11.13 -15.49 -32.99
N GLU A 186 -11.69 -15.42 -31.79
CA GLU A 186 -10.93 -15.67 -30.55
C GLU A 186 -10.66 -17.17 -30.34
N LYS A 187 -9.40 -17.51 -30.08
CA LYS A 187 -9.04 -18.89 -29.72
C LYS A 187 -8.44 -19.06 -28.33
N ARG A 188 -8.05 -17.95 -27.70
CA ARG A 188 -7.27 -17.98 -26.50
C ARG A 188 -8.05 -17.28 -25.41
N TYR A 189 -8.25 -17.99 -24.31
CA TYR A 189 -9.03 -17.52 -23.19
C TYR A 189 -8.23 -17.58 -21.89
N LEU A 190 -8.20 -16.45 -21.19
CA LEU A 190 -7.73 -16.37 -19.81
C LEU A 190 -9.00 -16.35 -18.93
N ILE A 191 -9.16 -17.35 -18.07
CA ILE A 191 -10.34 -17.50 -17.23
C ILE A 191 -9.89 -17.31 -15.78
N ASP A 192 -10.30 -16.16 -15.22
CA ASP A 192 -9.97 -15.72 -13.86
C ASP A 192 -11.28 -15.70 -13.06
N CYS A 193 -11.71 -16.91 -12.69
CA CYS A 193 -12.92 -17.17 -11.97
C CYS A 193 -12.69 -18.20 -10.87
N GLU A 194 -13.65 -18.25 -9.94
CA GLU A 194 -13.74 -19.29 -8.94
C GLU A 194 -13.85 -20.67 -9.67
N VAL A 195 -13.31 -21.70 -9.02
CA VAL A 195 -13.31 -23.03 -9.56
C VAL A 195 -14.69 -23.49 -10.06
N GLU A 196 -15.71 -23.28 -9.27
CA GLU A 196 -17.09 -23.73 -9.61
C GLU A 196 -17.49 -23.10 -10.94
N ARG A 197 -17.23 -21.80 -10.99
CA ARG A 197 -17.49 -21.03 -12.22
CA ARG A 197 -17.49 -21.03 -12.23
C ARG A 197 -16.67 -21.47 -13.57
N ILE A 198 -15.41 -21.76 -13.26
CA ILE A 198 -14.56 -22.33 -14.33
C ILE A 198 -15.15 -23.66 -14.82
N ASN A 199 -15.60 -24.51 -13.88
CA ASN A 199 -16.15 -25.82 -14.27
C ASN A 199 -17.42 -25.63 -15.10
N THR A 200 -18.26 -24.66 -14.74
CA THR A 200 -19.44 -24.35 -15.52
C THR A 200 -19.07 -23.89 -16.89
N ILE A 201 -18.09 -22.98 -17.02
CA ILE A 201 -17.67 -22.49 -18.32
C ILE A 201 -17.18 -23.64 -19.21
N LEU A 202 -16.28 -24.47 -18.69
CA LEU A 202 -15.76 -25.59 -19.47
C LEU A 202 -16.85 -26.63 -19.85
N GLU A 203 -17.87 -26.81 -19.05
CA GLU A 203 -19.02 -27.64 -19.45
C GLU A 203 -19.75 -27.06 -20.62
N GLN A 204 -19.89 -25.74 -20.67
CA GLN A 204 -20.50 -25.10 -21.83
C GLN A 204 -19.63 -25.24 -23.06
N VAL A 205 -18.31 -25.16 -22.88
CA VAL A 205 -17.39 -25.44 -24.00
C VAL A 205 -17.65 -26.85 -24.61
N VAL A 206 -17.79 -27.84 -23.76
CA VAL A 206 -18.02 -29.22 -24.18
C VAL A 206 -19.42 -29.38 -24.82
N ILE A 207 -20.44 -28.77 -24.24
CA ILE A 207 -21.81 -28.84 -24.78
C ILE A 207 -21.89 -28.20 -26.13
N LEU A 208 -21.23 -27.06 -26.31
CA LEU A 208 -21.21 -26.47 -27.63
C LEU A 208 -20.57 -27.37 -28.68
N GLY A 209 -19.55 -28.12 -28.28
CA GLY A 209 -18.70 -28.80 -29.25
C GLY A 209 -17.89 -27.81 -30.07
N LYS A 210 -16.86 -28.31 -30.74
CA LYS A 210 -15.99 -27.57 -31.63
C LYS A 210 -15.22 -26.42 -30.96
N HIS A 211 -15.13 -26.41 -29.64
CA HIS A 211 -14.41 -25.36 -28.94
C HIS A 211 -13.23 -25.91 -28.16
N SER A 212 -12.77 -27.10 -28.54
CA SER A 212 -11.58 -27.71 -27.92
CA SER A 212 -11.58 -27.72 -27.92
C SER A 212 -10.35 -27.65 -28.84
N ARG A 213 -10.27 -28.45 -29.89
CA ARG A 213 -9.18 -28.36 -30.85
C ARG A 213 -9.08 -26.97 -31.41
N GLY A 214 -7.86 -26.43 -31.41
CA GLY A 214 -7.61 -25.06 -31.86
C GLY A 214 -7.71 -23.98 -30.78
N TYR A 215 -8.14 -24.35 -29.58
CA TYR A 215 -8.37 -23.41 -28.50
C TYR A 215 -7.35 -23.64 -27.39
N HIS A 216 -7.10 -22.58 -26.62
CA HIS A 216 -6.21 -22.61 -25.45
C HIS A 216 -6.88 -21.88 -24.28
N TYR A 217 -7.08 -22.58 -23.17
CA TYR A 217 -7.68 -22.07 -21.96
C TYR A 217 -6.60 -21.96 -20.85
N MET A 218 -6.30 -20.74 -20.43
CA MET A 218 -5.39 -20.51 -19.31
C MET A 218 -6.24 -20.27 -18.10
N LEU A 219 -6.13 -21.18 -17.13
CA LEU A 219 -7.02 -21.18 -15.98
C LEU A 219 -6.32 -20.53 -14.77
N ALA A 220 -6.72 -19.29 -14.52
CA ALA A 220 -6.03 -18.47 -13.51
C ALA A 220 -6.62 -18.68 -12.12
N ASN A 221 -6.29 -19.81 -11.51
CA ASN A 221 -6.83 -20.21 -10.25
C ASN A 221 -5.91 -21.28 -9.70
N LEU A 222 -5.44 -21.09 -8.47
CA LEU A 222 -4.54 -22.05 -7.83
C LEU A 222 -5.25 -23.35 -7.47
N GLY A 223 -6.58 -23.39 -7.63
CA GLY A 223 -7.38 -24.62 -7.38
C GLY A 223 -7.45 -25.58 -8.55
N PHE A 224 -6.37 -25.63 -9.32
CA PHE A 224 -6.26 -26.46 -10.52
C PHE A 224 -6.76 -27.89 -10.37
N THR A 225 -6.36 -28.53 -9.29
CA THR A 225 -6.76 -29.93 -9.05
C THR A 225 -8.24 -30.15 -8.82
N ASP A 226 -9.01 -29.10 -8.60
CA ASP A 226 -10.47 -29.22 -8.48
C ASP A 226 -11.20 -28.89 -9.75
N ILE A 227 -10.47 -28.52 -10.78
CA ILE A 227 -11.05 -28.17 -12.04
C ILE A 227 -11.35 -29.47 -12.83
N LEU A 228 -12.54 -29.54 -13.37
CA LEU A 228 -13.04 -30.70 -14.12
C LEU A 228 -12.79 -30.41 -15.58
N LEU A 229 -11.67 -30.87 -16.08
CA LEU A 229 -11.23 -30.45 -17.42
C LEU A 229 -11.02 -31.64 -18.40
N GLU A 230 -11.36 -32.84 -17.94
CA GLU A 230 -11.07 -34.07 -18.71
C GLU A 230 -11.69 -34.08 -20.09
N ARG A 231 -12.96 -33.74 -20.17
CA ARG A 231 -13.67 -33.74 -21.44
C ARG A 231 -13.12 -32.70 -22.41
N VAL A 232 -12.68 -31.54 -21.91
CA VAL A 232 -12.03 -30.52 -22.74
C VAL A 232 -10.70 -31.02 -23.28
N MET A 233 -9.91 -31.64 -22.42
CA MET A 233 -8.59 -32.17 -22.81
CA MET A 233 -8.58 -32.17 -22.80
C MET A 233 -8.70 -33.26 -23.88
N HIS A 234 -9.70 -34.12 -23.76
CA HIS A 234 -9.95 -35.17 -24.75
C HIS A 234 -10.36 -34.69 -26.14
N GLY A 235 -10.85 -33.45 -26.25
CA GLY A 235 -11.19 -32.87 -27.53
C GLY A 235 -10.07 -32.11 -28.22
N GLY A 236 -8.90 -32.03 -27.58
CA GLY A 236 -7.70 -31.44 -28.21
C GLY A 236 -7.37 -30.01 -27.78
N ALA A 237 -8.05 -29.47 -26.77
CA ALA A 237 -7.70 -28.15 -26.22
C ALA A 237 -6.32 -28.13 -25.66
N ASN A 238 -5.64 -26.98 -25.71
CA ASN A 238 -4.55 -26.72 -24.77
C ASN A 238 -5.15 -26.12 -23.49
N ILE A 239 -4.59 -26.54 -22.36
CA ILE A 239 -4.91 -25.98 -21.07
C ILE A 239 -3.63 -25.64 -20.32
N THR A 240 -3.62 -24.47 -19.69
CA THR A 240 -2.53 -24.07 -18.81
C THR A 240 -3.10 -23.83 -17.42
N GLY A 241 -2.43 -24.38 -16.43
CA GLY A 241 -2.86 -24.25 -15.02
C GLY A 241 -1.72 -23.93 -14.09
N PHE A 242 -2.08 -23.57 -12.86
CA PHE A 242 -1.15 -23.10 -11.83
C PHE A 242 -1.43 -23.82 -10.51
N GLN A 243 -0.38 -24.20 -9.81
CA GLN A 243 -0.47 -24.84 -8.49
C GLN A 243 0.66 -24.40 -7.57
N ILE A 244 0.40 -24.42 -6.27
CA ILE A 244 1.38 -24.14 -5.25
C ILE A 244 1.68 -25.34 -4.34
N VAL A 245 1.11 -26.50 -4.67
CA VAL A 245 1.35 -27.73 -3.91
C VAL A 245 2.01 -28.69 -4.89
N ASN A 246 3.15 -29.21 -4.51
CA ASN A 246 3.81 -30.28 -5.28
C ASN A 246 3.57 -31.59 -4.58
N ASN A 247 2.81 -32.49 -5.22
CA ASN A 247 2.47 -33.78 -4.57
C ASN A 247 3.66 -34.68 -4.29
N GLU A 248 4.81 -34.42 -4.92
CA GLU A 248 6.05 -35.19 -4.63
C GLU A 248 6.88 -34.65 -3.48
N ASN A 249 6.60 -33.42 -3.04
CA ASN A 249 7.21 -32.83 -1.85
C ASN A 249 7.00 -33.76 -0.64
N PRO A 250 8.08 -34.16 0.05
CA PRO A 250 7.89 -35.16 1.14
C PRO A 250 7.00 -34.68 2.28
N MET A 251 6.99 -33.38 2.58
CA MET A 251 6.04 -32.88 3.58
C MET A 251 4.59 -33.09 3.11
N VAL A 252 4.32 -32.85 1.84
CA VAL A 252 3.01 -33.09 1.28
C VAL A 252 2.70 -34.61 1.32
N GLN A 253 3.63 -35.44 0.87
CA GLN A 253 3.44 -36.90 0.91
C GLN A 253 3.16 -37.42 2.31
N GLN A 254 3.90 -36.95 3.33
CA GLN A 254 3.68 -37.50 4.68
C GLN A 254 2.37 -36.98 5.29
N PHE A 255 2.00 -35.72 4.96
CA PHE A 255 0.68 -35.26 5.34
C PHE A 255 -0.42 -36.07 4.66
N ILE A 256 -0.35 -36.21 3.36
CA ILE A 256 -1.37 -36.91 2.54
C ILE A 256 -1.59 -38.35 3.03
N GLN A 257 -0.50 -39.05 3.32
CA GLN A 257 -0.58 -40.47 3.75
C GLN A 257 -1.38 -40.65 5.02
N ARG A 258 -1.21 -39.74 5.98
CA ARG A 258 -2.06 -39.77 7.17
C ARG A 258 -3.43 -39.21 6.91
N TRP A 259 -3.50 -38.09 6.19
CA TRP A 259 -4.76 -37.42 5.88
C TRP A 259 -5.81 -38.29 5.24
N VAL A 260 -5.43 -39.03 4.20
CA VAL A 260 -6.41 -39.86 3.49
C VAL A 260 -6.89 -41.05 4.32
N ARG A 261 -6.24 -41.35 5.43
CA ARG A 261 -6.63 -42.46 6.34
C ARG A 261 -7.45 -41.99 7.52
N LEU A 262 -7.71 -40.67 7.65
CA LEU A 262 -8.48 -40.16 8.79
C LEU A 262 -9.95 -40.60 8.73
N ASP A 263 -10.57 -40.69 9.89
CA ASP A 263 -11.99 -41.07 10.01
C ASP A 263 -12.87 -40.00 9.36
N GLU A 264 -13.74 -40.39 8.42
CA GLU A 264 -14.63 -39.47 7.72
C GLU A 264 -15.59 -38.71 8.62
N ARG A 265 -15.97 -39.31 9.75
CA ARG A 265 -16.89 -38.61 10.67
C ARG A 265 -16.18 -37.48 11.41
N GLU A 266 -14.94 -37.67 11.87
CA GLU A 266 -14.25 -36.60 12.61
C GLU A 266 -13.56 -35.61 11.65
N PHE A 267 -13.21 -36.09 10.44
CA PHE A 267 -12.49 -35.29 9.46
C PHE A 267 -13.18 -35.38 8.09
N PRO A 268 -14.37 -34.80 7.98
CA PRO A 268 -15.06 -34.83 6.69
C PRO A 268 -14.23 -34.22 5.55
N GLU A 269 -14.34 -34.84 4.37
CA GLU A 269 -13.66 -34.43 3.16
C GLU A 269 -12.18 -34.79 3.09
N ALA A 270 -11.65 -35.52 4.05
CA ALA A 270 -10.30 -36.00 3.93
C ALA A 270 -10.16 -37.20 2.95
N LYS A 271 -11.14 -38.09 2.92
CA LYS A 271 -11.06 -39.30 2.05
C LYS A 271 -11.79 -39.17 0.72
N ASN A 272 -12.87 -38.41 0.72
CA ASN A 272 -13.81 -38.40 -0.41
C ASN A 272 -13.59 -37.25 -1.37
N ALA A 273 -12.54 -36.41 -1.19
CA ALA A 273 -12.25 -35.36 -2.14
C ALA A 273 -10.75 -35.09 -2.14
N PRO A 274 -10.20 -34.70 -3.30
CA PRO A 274 -8.77 -34.34 -3.24
C PRO A 274 -8.54 -33.12 -2.34
N LEU A 275 -7.31 -33.02 -1.88
CA LEU A 275 -6.92 -31.97 -0.98
C LEU A 275 -6.96 -30.66 -1.76
N LYS A 276 -7.78 -29.72 -1.30
CA LYS A 276 -7.85 -28.40 -1.89
C LYS A 276 -6.58 -27.65 -1.46
N TYR A 277 -6.07 -26.79 -2.34
CA TYR A 277 -4.86 -26.05 -2.01
C TYR A 277 -5.09 -25.14 -0.79
N THR A 278 -6.34 -24.74 -0.59
CA THR A 278 -6.68 -23.89 0.58
C THR A 278 -6.60 -24.69 1.90
N SER A 279 -6.74 -26.02 1.81
CA SER A 279 -6.57 -26.89 2.95
C SER A 279 -5.08 -27.05 3.24
N ALA A 280 -4.25 -27.16 2.22
CA ALA A 280 -2.80 -27.12 2.38
C ALA A 280 -2.35 -25.81 2.99
N LEU A 281 -2.93 -24.71 2.55
CA LEU A 281 -2.63 -23.39 3.14
C LEU A 281 -3.06 -23.29 4.58
N THR A 282 -4.15 -23.95 4.93
CA THR A 282 -4.63 -24.03 6.29
C THR A 282 -3.64 -24.76 7.19
N HIS A 283 -3.15 -25.91 6.74
CA HIS A 283 -2.04 -26.62 7.43
C HIS A 283 -0.86 -25.68 7.59
N ASP A 284 -0.47 -25.00 6.51
CA ASP A 284 0.67 -24.10 6.55
C ASP A 284 0.47 -22.94 7.47
N ALA A 285 -0.77 -22.47 7.62
CA ALA A 285 -1.07 -21.47 8.61
C ALA A 285 -0.73 -21.89 10.03
N ILE A 286 -1.06 -23.13 10.38
CA ILE A 286 -0.73 -23.63 11.70
C ILE A 286 0.82 -23.77 11.83
N LEU A 287 1.52 -24.14 10.77
CA LEU A 287 3.01 -24.15 10.80
C LEU A 287 3.55 -22.75 11.12
N VAL A 288 3.01 -21.73 10.46
CA VAL A 288 3.45 -20.35 10.65
C VAL A 288 3.15 -19.86 12.04
N ILE A 289 1.95 -20.12 12.52
CA ILE A 289 1.57 -19.74 13.87
C ILE A 289 2.47 -20.44 14.90
N ALA A 290 2.67 -21.74 14.77
CA ALA A 290 3.56 -22.47 15.71
C ALA A 290 4.97 -21.91 15.70
N GLU A 291 5.52 -21.67 14.53
CA GLU A 291 6.86 -21.13 14.44
C GLU A 291 6.98 -19.73 15.08
N ALA A 292 5.99 -18.89 14.86
CA ALA A 292 6.02 -17.54 15.38
C ALA A 292 5.99 -17.60 16.87
N PHE A 293 5.13 -18.43 17.44
CA PHE A 293 5.02 -18.51 18.88
C PHE A 293 6.20 -19.21 19.56
N ARG A 294 6.85 -20.13 18.86
CA ARG A 294 8.06 -20.74 19.36
C ARG A 294 9.17 -19.65 19.42
N TYR A 295 9.21 -18.80 18.40
CA TYR A 295 10.17 -17.73 18.29
C TYR A 295 9.94 -16.74 19.42
N LEU A 296 8.69 -16.38 19.68
CA LEU A 296 8.37 -15.43 20.74
C LEU A 296 8.78 -15.95 22.09
N ARG A 297 8.57 -17.23 22.30
CA ARG A 297 9.00 -17.86 23.55
CA ARG A 297 9.00 -17.86 23.54
C ARG A 297 10.53 -17.80 23.73
N ARG A 298 11.28 -18.18 22.71
CA ARG A 298 12.74 -18.11 22.76
C ARG A 298 13.26 -16.69 23.04
N GLN A 299 12.57 -15.68 22.53
CA GLN A 299 12.95 -14.29 22.74
C GLN A 299 12.42 -13.71 24.04
N ARG A 300 11.72 -14.51 24.85
CA ARG A 300 11.11 -14.03 26.07
C ARG A 300 10.17 -12.85 25.86
N VAL A 301 9.42 -12.86 24.76
CA VAL A 301 8.51 -11.77 24.50
C VAL A 301 7.29 -11.95 25.40
N ASP A 302 6.82 -10.83 25.95
CA ASP A 302 5.59 -10.84 26.73
C ASP A 302 4.38 -11.01 25.79
N VAL A 303 3.69 -12.17 25.86
CA VAL A 303 2.50 -12.36 25.05
C VAL A 303 1.17 -12.21 25.81
N SER A 304 1.20 -11.73 27.03
CA SER A 304 0.02 -11.69 27.96
C SER A 304 -1.29 -11.02 27.43
N ARG A 305 -2.42 -11.66 27.76
CA ARG A 305 -3.81 -11.23 27.50
C ARG A 305 -4.40 -11.50 26.07
N ARG A 306 -4.87 -10.42 25.42
CA ARG A 306 -5.66 -10.52 24.17
C ARG A 306 -5.83 -9.16 23.53
N CYS A 312 -15.40 -6.62 23.28
CA CYS A 312 -15.23 -5.86 22.08
C CYS A 312 -16.26 -4.68 22.14
N LEU A 313 -16.01 -3.69 21.31
CA LEU A 313 -16.89 -2.56 21.02
C LEU A 313 -16.65 -1.31 21.87
N ALA A 314 -15.64 -1.32 22.75
CA ALA A 314 -15.11 -0.04 23.30
C ALA A 314 -14.26 0.63 22.20
N ALA A 317 -10.17 2.57 20.79
CA ALA A 317 -10.51 1.16 20.78
C ALA A 317 -9.57 0.32 21.66
N VAL A 318 -8.51 0.91 22.19
CA VAL A 318 -7.51 0.19 23.02
C VAL A 318 -6.80 -1.03 22.31
N PRO A 319 -5.79 -0.76 21.48
CA PRO A 319 -5.09 -1.92 20.94
C PRO A 319 -4.27 -2.67 22.02
N TRP A 320 -4.18 -3.96 21.86
CA TRP A 320 -3.32 -4.75 22.72
C TRP A 320 -1.84 -4.41 22.46
N SER A 321 -1.09 -4.16 23.53
CA SER A 321 0.29 -3.69 23.39
C SER A 321 1.23 -4.71 22.73
N GLN A 322 1.01 -5.96 23.08
CA GLN A 322 1.84 -7.07 22.62
C GLN A 322 1.55 -7.44 21.10
N GLY A 323 0.45 -6.88 20.57
CA GLY A 323 0.00 -7.25 19.24
C GLY A 323 0.99 -7.04 18.11
N ILE A 324 1.68 -5.90 18.19
CA ILE A 324 2.68 -5.59 17.19
C ILE A 324 3.84 -6.61 17.15
N ASP A 325 4.24 -7.12 18.29
CA ASP A 325 5.31 -8.10 18.39
C ASP A 325 4.88 -9.47 17.83
N ILE A 326 3.65 -9.84 18.08
CA ILE A 326 3.09 -11.06 17.49
C ILE A 326 3.02 -10.97 15.97
N GLU A 327 2.53 -9.84 15.45
CA GLU A 327 2.45 -9.61 14.04
C GLU A 327 3.83 -9.73 13.40
N ARG A 328 4.82 -9.07 14.00
CA ARG A 328 6.18 -9.12 13.48
CA ARG A 328 6.19 -9.11 13.47
C ARG A 328 6.71 -10.56 13.49
N ALA A 329 6.50 -11.27 14.56
CA ALA A 329 6.94 -12.69 14.63
C ALA A 329 6.31 -13.54 13.51
N LEU A 330 5.01 -13.33 13.28
CA LEU A 330 4.36 -14.00 12.19
C LEU A 330 4.96 -13.70 10.83
N LYS A 331 5.22 -12.40 10.56
CA LYS A 331 5.68 -12.00 9.26
C LYS A 331 7.17 -12.31 9.00
N MET A 332 7.95 -12.53 10.05
CA MET A 332 9.37 -12.87 9.89
C MET A 332 9.64 -14.36 9.69
N VAL A 333 8.63 -15.21 9.74
CA VAL A 333 8.91 -16.66 9.61
C VAL A 333 9.48 -17.01 8.23
N GLN A 334 10.30 -18.02 8.20
CA GLN A 334 10.75 -18.63 6.99
C GLN A 334 10.66 -20.13 7.26
N VAL A 335 9.62 -20.76 6.73
CA VAL A 335 9.38 -22.15 6.93
C VAL A 335 9.00 -22.85 5.63
N GLN A 336 9.28 -24.15 5.62
CA GLN A 336 8.94 -25.02 4.50
C GLN A 336 7.63 -25.70 4.79
N GLY A 337 6.65 -25.51 3.91
CA GLY A 337 5.31 -26.04 4.13
C GLY A 337 4.87 -26.89 2.98
N MET A 338 3.61 -27.24 3.00
CA MET A 338 2.96 -27.93 1.88
C MET A 338 2.93 -27.05 0.65
N THR A 339 2.98 -25.74 0.83
CA THR A 339 3.00 -24.77 -0.26
C THR A 339 4.39 -24.20 -0.50
N GLY A 340 5.40 -25.00 -0.13
CA GLY A 340 6.80 -24.70 -0.40
C GLY A 340 7.35 -23.70 0.61
N ASN A 341 8.29 -22.87 0.15
CA ASN A 341 8.91 -21.89 0.98
C ASN A 341 7.88 -20.82 1.35
N ILE A 342 7.74 -20.57 2.64
CA ILE A 342 6.84 -19.58 3.20
C ILE A 342 7.62 -18.47 3.90
N GLN A 343 7.53 -17.28 3.32
CA GLN A 343 8.03 -16.02 3.85
C GLN A 343 7.02 -14.92 3.52
N PHE A 344 7.05 -13.82 4.28
CA PHE A 344 6.16 -12.68 4.08
C PHE A 344 6.89 -11.34 3.99
N ASP A 345 6.25 -10.38 3.34
CA ASP A 345 6.72 -9.01 3.32
C ASP A 345 6.02 -8.28 4.47
N THR A 346 6.27 -6.98 4.58
CA THR A 346 5.78 -6.19 5.68
C THR A 346 4.24 -6.05 5.70
N TYR A 347 3.59 -6.28 4.55
CA TYR A 347 2.15 -6.25 4.43
C TYR A 347 1.51 -7.65 4.56
N GLY A 348 2.31 -8.63 5.00
CA GLY A 348 1.85 -10.01 5.11
C GLY A 348 1.56 -10.74 3.80
N ARG A 349 2.13 -10.26 2.68
CA ARG A 349 2.03 -10.95 1.41
C ARG A 349 3.11 -12.00 1.31
N ARG A 350 2.79 -13.16 0.76
CA ARG A 350 3.81 -14.18 0.51
C ARG A 350 4.88 -13.56 -0.39
N THR A 351 6.13 -13.86 -0.06
CA THR A 351 7.23 -13.45 -0.86
C THR A 351 8.20 -14.64 -1.00
N ASN A 352 8.92 -14.65 -2.09
CA ASN A 352 9.89 -15.70 -2.38
C ASN A 352 9.15 -17.09 -2.45
N TYR A 353 8.00 -17.10 -3.12
CA TYR A 353 7.16 -18.31 -3.27
C TYR A 353 7.32 -18.80 -4.68
N THR A 354 6.86 -20.02 -4.93
CA THR A 354 6.92 -20.59 -6.25
C THR A 354 5.54 -21.01 -6.69
N ILE A 355 5.20 -20.71 -7.95
CA ILE A 355 4.00 -21.22 -8.57
C ILE A 355 4.41 -22.20 -9.65
N ASP A 356 3.92 -23.42 -9.61
CA ASP A 356 4.21 -24.41 -10.65
C ASP A 356 3.20 -24.29 -11.78
N VAL A 357 3.64 -24.47 -13.00
CA VAL A 357 2.85 -24.21 -14.19
C VAL A 357 2.66 -25.56 -14.90
N TYR A 358 1.41 -25.89 -15.20
CA TYR A 358 1.04 -27.14 -15.83
C TYR A 358 0.44 -26.91 -17.19
N GLU A 359 0.83 -27.77 -18.13
CA GLU A 359 0.28 -27.77 -19.48
C GLU A 359 -0.30 -29.12 -19.82
N MET A 360 -1.50 -29.07 -20.38
CA MET A 360 -2.14 -30.23 -20.97
C MET A 360 -2.44 -29.91 -22.40
N LYS A 361 -2.08 -30.84 -23.26
CA LYS A 361 -2.22 -30.69 -24.69
C LYS A 361 -2.57 -32.06 -25.25
N VAL A 362 -2.90 -32.12 -26.52
CA VAL A 362 -3.32 -33.42 -27.11
C VAL A 362 -2.19 -34.46 -27.07
N SER A 363 -0.93 -33.99 -27.11
CA SER A 363 0.25 -34.86 -26.88
C SER A 363 0.47 -35.36 -25.45
N GLY A 364 -0.23 -34.83 -24.46
CA GLY A 364 -0.03 -35.24 -23.08
C GLY A 364 -0.03 -34.07 -22.10
N SER A 365 0.21 -34.45 -20.86
CA SER A 365 0.04 -33.60 -19.71
CA SER A 365 0.05 -33.60 -19.70
C SER A 365 1.36 -33.56 -18.94
N ARG A 366 1.79 -32.39 -18.53
CA ARG A 366 3.03 -32.25 -17.74
C ARG A 366 3.13 -30.93 -16.95
N LYS A 367 4.07 -30.97 -16.01
CA LYS A 367 4.56 -29.77 -15.35
C LYS A 367 5.45 -29.09 -16.36
N ALA A 368 5.07 -27.91 -16.83
CA ALA A 368 5.79 -27.21 -17.87
C ALA A 368 6.92 -26.34 -17.33
N GLY A 369 6.87 -26.03 -16.05
CA GLY A 369 7.80 -25.10 -15.48
C GLY A 369 7.30 -24.55 -14.18
N TYR A 370 7.99 -23.51 -13.74
CA TYR A 370 7.63 -22.82 -12.54
C TYR A 370 7.92 -21.32 -12.63
N TRP A 371 7.30 -20.57 -11.73
CA TRP A 371 7.40 -19.13 -11.66
C TRP A 371 7.72 -18.68 -10.25
N ASN A 372 8.68 -17.76 -10.14
CA ASN A 372 8.89 -17.04 -8.87
C ASN A 372 9.27 -15.59 -9.19
N GLU A 373 9.27 -14.71 -8.22
CA GLU A 373 9.44 -13.26 -8.48
C GLU A 373 10.82 -12.92 -9.10
N TYR A 374 11.85 -13.69 -8.75
CA TYR A 374 13.21 -13.38 -9.15
C TYR A 374 13.60 -14.05 -10.44
N GLU A 375 13.30 -15.34 -10.59
CA GLU A 375 13.57 -16.03 -11.86
C GLU A 375 12.53 -15.81 -12.92
N ARG A 376 11.35 -15.25 -12.55
CA ARG A 376 10.19 -15.18 -13.47
C ARG A 376 9.83 -16.61 -13.94
N PHE A 377 9.39 -16.78 -15.17
CA PHE A 377 8.93 -18.10 -15.61
C PHE A 377 10.12 -18.92 -16.09
N VAL A 378 10.31 -20.09 -15.51
CA VAL A 378 11.39 -21.02 -15.88
C VAL A 378 10.80 -22.30 -16.50
N PRO A 379 10.93 -22.48 -17.82
CA PRO A 379 10.39 -23.68 -18.46
C PRO A 379 11.31 -24.91 -18.24
N PHE A 380 10.73 -26.10 -18.03
CA PHE A 380 11.47 -27.35 -18.02
C PHE A 380 11.69 -27.73 -19.49
N SER A 381 12.66 -28.60 -19.73
CA SER A 381 13.02 -29.00 -21.12
C SER A 381 11.94 -29.87 -21.79
N PHE B 2 11.07 -1.08 34.28
CA PHE B 2 11.71 -0.30 33.17
C PHE B 2 11.88 1.17 33.58
N PRO B 3 13.03 1.75 33.35
CA PRO B 3 13.23 3.13 33.82
C PRO B 3 12.29 4.16 33.16
N ASN B 4 11.99 5.22 33.88
CA ASN B 4 11.22 6.34 33.32
C ASN B 4 12.03 7.17 32.32
N THR B 5 13.36 7.09 32.42
CA THR B 5 14.26 7.83 31.55
C THR B 5 15.31 6.92 30.96
N ILE B 6 15.48 7.00 29.65
CA ILE B 6 16.60 6.36 28.96
C ILE B 6 17.59 7.45 28.58
N SER B 7 18.84 7.29 28.99
CA SER B 7 19.91 8.26 28.67
C SER B 7 20.86 7.70 27.67
N ILE B 8 21.20 8.47 26.66
CA ILE B 8 22.19 8.07 25.66
C ILE B 8 23.37 9.02 25.65
N GLY B 9 24.52 8.55 25.19
CA GLY B 9 25.69 9.38 24.97
C GLY B 9 25.61 9.95 23.58
N GLY B 10 26.31 11.08 23.43
CA GLY B 10 26.45 11.71 22.14
C GLY B 10 27.90 12.07 21.93
N LEU B 11 28.58 11.47 20.97
CA LEU B 11 29.96 11.77 20.70
C LEU B 11 30.11 12.49 19.37
N PHE B 12 30.36 13.78 19.45
CA PHE B 12 30.40 14.64 18.28
C PHE B 12 31.86 15.06 18.00
N MET B 13 32.14 15.33 16.75
CA MET B 13 33.47 15.61 16.23
C MET B 13 33.43 16.98 15.61
N ARG B 14 34.61 17.42 15.18
CA ARG B 14 34.73 18.61 14.32
C ARG B 14 33.85 18.47 13.07
N ASN B 15 33.25 19.57 12.69
N ASN B 15 33.25 19.58 12.70
CA ASN B 15 32.43 19.64 11.50
CA ASN B 15 32.45 19.65 11.50
C ASN B 15 31.14 18.81 11.58
C ASN B 15 31.15 18.81 11.57
N THR B 16 30.57 18.70 12.78
CA THR B 16 29.26 18.02 12.97
C THR B 16 28.21 18.95 13.64
N VAL B 17 28.33 20.25 13.42
CA VAL B 17 27.46 21.21 14.06
C VAL B 17 26.00 20.98 13.65
N GLN B 18 25.73 20.87 12.35
CA GLN B 18 24.34 20.63 11.92
C GLN B 18 23.78 19.33 12.47
N GLU B 19 24.60 18.31 12.49
CA GLU B 19 24.18 17.02 12.98
C GLU B 19 23.85 17.08 14.46
N HIS B 20 24.65 17.82 15.22
CA HIS B 20 24.34 18.09 16.61
C HIS B 20 22.98 18.80 16.82
N SER B 21 22.71 19.82 16.01
CA SER B 21 21.38 20.46 16.00
C SER B 21 20.27 19.44 15.64
N ALA B 22 20.52 18.60 14.63
CA ALA B 22 19.51 17.63 14.23
C ALA B 22 19.27 16.57 15.34
N PHE B 23 20.33 16.20 16.05
CA PHE B 23 20.28 15.29 17.20
C PHE B 23 19.37 15.85 18.31
N ARG B 24 19.62 17.10 18.69
CA ARG B 24 18.83 17.76 19.70
C ARG B 24 17.38 17.92 19.24
N PHE B 25 17.17 18.27 17.99
CA PHE B 25 15.83 18.46 17.44
C PHE B 25 15.10 17.13 17.37
N ALA B 26 15.76 16.08 16.90
CA ALA B 26 15.11 14.77 16.85
C ALA B 26 14.76 14.22 18.24
N VAL B 27 15.59 14.47 19.25
CA VAL B 27 15.26 14.10 20.63
C VAL B 27 14.04 14.90 21.12
N GLN B 28 13.99 16.17 20.77
CA GLN B 28 12.79 17.01 21.07
C GLN B 28 11.53 16.43 20.43
N LEU B 29 11.61 16.08 19.16
CA LEU B 29 10.46 15.45 18.42
C LEU B 29 9.97 14.17 19.11
N TYR B 30 10.91 13.34 19.58
CA TYR B 30 10.56 12.16 20.34
C TYR B 30 9.84 12.53 21.65
N ASN B 31 10.42 13.44 22.42
CA ASN B 31 9.95 13.78 23.76
C ASN B 31 8.65 14.55 23.77
N THR B 32 8.34 15.30 22.72
CA THR B 32 7.14 16.15 22.73
C THR B 32 5.95 15.41 22.13
N ASN B 33 6.09 14.16 21.70
CA ASN B 33 4.93 13.32 21.40
C ASN B 33 4.11 13.09 22.70
N GLN B 34 2.82 13.42 22.67
CA GLN B 34 1.90 13.24 23.83
C GLN B 34 1.24 11.84 23.88
N ASN B 35 1.09 11.18 22.72
CA ASN B 35 0.77 9.74 22.66
C ASN B 35 1.79 8.93 23.47
N THR B 36 1.35 8.47 24.64
CA THR B 36 2.22 7.75 25.60
C THR B 36 2.60 6.32 25.20
N THR B 37 2.01 5.79 24.12
CA THR B 37 2.53 4.56 23.50
C THR B 37 3.80 4.85 22.69
N GLU B 38 3.80 5.95 21.96
CA GLU B 38 5.00 6.36 21.19
C GLU B 38 6.09 6.95 22.10
N LYS B 39 5.71 7.41 23.30
CA LYS B 39 6.64 8.01 24.27
C LYS B 39 6.42 7.50 25.69
N PRO B 40 6.79 6.23 25.94
CA PRO B 40 6.61 5.67 27.29
C PRO B 40 7.75 5.95 28.27
N PHE B 41 8.83 6.58 27.82
CA PHE B 41 9.93 6.99 28.67
C PHE B 41 10.45 8.32 28.17
N HIS B 42 11.11 9.09 29.02
N HIS B 42 11.10 9.08 29.03
CA HIS B 42 11.81 10.30 28.60
CA HIS B 42 11.81 10.30 28.61
C HIS B 42 13.15 9.88 27.99
C HIS B 42 13.15 9.88 27.99
N LEU B 43 13.54 10.53 26.89
CA LEU B 43 14.89 10.36 26.31
C LEU B 43 15.79 11.57 26.70
N ASN B 44 16.87 11.29 27.38
CA ASN B 44 17.86 12.25 27.86
C ASN B 44 19.20 11.95 27.16
N TYR B 45 20.06 12.94 27.07
CA TYR B 45 21.38 12.69 26.50
C TYR B 45 22.48 13.48 27.24
N HIS B 46 23.69 13.01 27.11
CA HIS B 46 24.86 13.74 27.46
C HIS B 46 25.86 13.74 26.29
N VAL B 47 26.21 14.93 25.85
CA VAL B 47 27.07 15.14 24.71
C VAL B 47 28.50 15.47 25.14
N ASP B 48 29.48 14.91 24.46
CA ASP B 48 30.89 15.35 24.49
C ASP B 48 31.32 15.68 23.07
N HIS B 49 32.13 16.72 22.93
CA HIS B 49 32.71 17.11 21.66
C HIS B 49 34.16 16.71 21.68
N LEU B 50 34.55 15.95 20.69
CA LEU B 50 35.91 15.49 20.53
C LEU B 50 36.64 16.54 19.70
N ASP B 51 37.55 17.27 20.35
CA ASP B 51 38.47 18.15 19.62
C ASP B 51 39.39 17.42 18.67
N SER B 52 39.65 16.12 18.89
CA SER B 52 40.60 15.38 18.04
C SER B 52 40.18 13.95 17.91
N SER B 53 40.76 13.26 16.94
CA SER B 53 40.55 11.82 16.79
C SER B 53 41.70 11.01 17.38
N ASN B 54 42.60 11.67 18.09
CA ASN B 54 43.66 10.95 18.85
C ASN B 54 43.16 9.99 19.96
N SER B 55 43.77 8.79 20.06
CA SER B 55 43.19 7.73 20.84
C SER B 55 43.04 8.04 22.30
N PHE B 56 43.97 8.81 22.85
CA PHE B 56 43.87 9.14 24.23
C PHE B 56 42.60 9.97 24.50
N SER B 57 42.37 10.99 23.71
CA SER B 57 41.16 11.85 23.88
C SER B 57 39.90 11.06 23.65
N VAL B 58 39.90 10.25 22.61
CA VAL B 58 38.74 9.43 22.26
C VAL B 58 38.40 8.41 23.33
N THR B 59 39.40 7.69 23.81
CA THR B 59 39.21 6.70 24.88
C THR B 59 38.70 7.39 26.17
N ASN B 60 39.29 8.49 26.57
CA ASN B 60 38.77 9.23 27.73
C ASN B 60 37.30 9.68 27.58
N ALA B 61 36.94 10.17 26.42
CA ALA B 61 35.55 10.57 26.18
C ALA B 61 34.58 9.38 26.20
N PHE B 62 34.96 8.26 25.59
CA PHE B 62 34.12 7.09 25.64
C PHE B 62 33.98 6.59 27.07
N CYS B 63 35.10 6.50 27.77
CA CYS B 63 35.13 6.01 29.15
C CYS B 63 34.31 6.90 30.10
N SER B 64 34.41 8.20 29.92
CA SER B 64 33.61 9.17 30.67
C SER B 64 32.09 8.92 30.48
N GLN B 65 31.66 8.55 29.28
CA GLN B 65 30.24 8.23 29.04
C GLN B 65 29.88 6.91 29.62
N PHE B 66 30.79 5.97 29.52
CA PHE B 66 30.55 4.66 30.04
C PHE B 66 30.34 4.67 31.56
N SER B 67 31.18 5.42 32.25
CA SER B 67 31.08 5.51 33.71
C SER B 67 29.86 6.31 34.15
N ARG B 68 29.50 7.32 33.39
CA ARG B 68 28.25 8.08 33.62
C ARG B 68 27.00 7.19 33.54
N GLY B 69 27.05 6.07 32.80
CA GLY B 69 25.90 5.23 32.60
C GLY B 69 25.10 5.86 31.46
N VAL B 70 25.24 5.23 30.29
CA VAL B 70 24.43 5.52 29.13
C VAL B 70 23.92 4.17 28.68
N TYR B 71 22.77 4.17 28.01
CA TYR B 71 22.23 2.92 27.47
C TYR B 71 22.67 2.57 26.08
N ALA B 72 23.24 3.56 25.38
CA ALA B 72 23.76 3.48 24.01
C ALA B 72 24.50 4.80 23.74
N ILE B 73 25.33 4.81 22.73
CA ILE B 73 26.07 6.04 22.35
C ILE B 73 25.80 6.29 20.90
N PHE B 74 25.23 7.48 20.62
CA PHE B 74 25.16 8.01 19.28
C PHE B 74 26.43 8.81 19.01
N GLY B 75 27.00 8.69 17.82
CA GLY B 75 28.22 9.44 17.53
C GLY B 75 28.84 9.18 16.20
N PHE B 76 30.02 9.75 16.07
CA PHE B 76 30.76 9.80 14.84
C PHE B 76 32.17 9.26 15.05
N TYR B 77 32.70 8.62 14.02
CA TYR B 77 34.13 8.27 14.01
C TYR B 77 34.68 8.65 12.65
N ASP B 78 36.00 8.76 12.61
CA ASP B 78 36.70 8.89 11.37
C ASP B 78 37.72 7.75 11.27
N GLN B 79 38.54 7.76 10.22
CA GLN B 79 39.57 6.72 10.07
C GLN B 79 40.49 6.56 11.26
N MET B 80 40.82 7.66 11.92
CA MET B 80 41.70 7.62 13.09
C MET B 80 41.02 7.05 14.35
N SER B 81 39.73 7.38 14.55
CA SER B 81 39.07 7.00 15.81
C SER B 81 38.20 5.74 15.73
N MET B 82 37.93 5.26 14.52
CA MET B 82 36.95 4.17 14.33
C MET B 82 37.41 2.90 15.11
N ASN B 83 38.65 2.50 15.02
CA ASN B 83 39.11 1.33 15.77
C ASN B 83 39.00 1.48 17.27
N THR B 84 39.39 2.65 17.79
CA THR B 84 39.27 2.88 19.22
C THR B 84 37.82 2.74 19.67
N LEU B 85 36.91 3.40 18.96
CA LEU B 85 35.54 3.48 19.41
C LEU B 85 34.85 2.10 19.27
N THR B 86 35.02 1.47 18.12
CA THR B 86 34.36 0.23 17.86
C THR B 86 34.89 -0.91 18.73
N SER B 87 36.21 -0.90 19.02
CA SER B 87 36.78 -1.95 19.86
CA SER B 87 36.81 -1.93 19.88
C SER B 87 36.33 -1.79 21.32
N PHE B 88 36.28 -0.56 21.84
CA PHE B 88 35.73 -0.35 23.17
C PHE B 88 34.27 -0.75 23.26
N CYS B 89 33.46 -0.31 22.28
CA CYS B 89 32.05 -0.72 22.22
C CYS B 89 31.88 -2.22 22.27
N GLY B 90 32.61 -2.90 21.42
CA GLY B 90 32.62 -4.36 21.32
C GLY B 90 33.02 -5.06 22.60
N ALA B 91 34.06 -4.55 23.27
CA ALA B 91 34.55 -5.17 24.50
C ALA B 91 33.55 -5.02 25.62
N LEU B 92 32.96 -3.84 25.70
CA LEU B 92 32.09 -3.51 26.79
C LEU B 92 30.61 -3.64 26.54
N HIS B 93 30.23 -4.14 25.37
CA HIS B 93 28.80 -4.37 25.04
C HIS B 93 27.95 -3.10 25.05
N THR B 94 28.53 -1.98 24.63
CA THR B 94 27.79 -0.73 24.55
C THR B 94 27.58 -0.46 23.06
N SER B 95 26.35 -0.23 22.66
CA SER B 95 26.06 -0.07 21.28
C SER B 95 26.34 1.34 20.82
N PHE B 96 27.01 1.42 19.67
CA PHE B 96 27.38 2.69 19.06
C PHE B 96 26.52 2.87 17.83
N VAL B 97 25.73 3.94 17.78
CA VAL B 97 24.84 4.18 16.65
C VAL B 97 25.37 5.38 15.92
N THR B 98 25.66 5.23 14.62
CA THR B 98 26.45 6.22 13.90
C THR B 98 26.03 6.50 12.47
N PRO B 99 26.12 7.78 12.04
CA PRO B 99 25.97 8.09 10.61
C PRO B 99 27.27 8.06 9.83
N SER B 100 28.36 7.66 10.47
CA SER B 100 29.66 7.67 9.83
C SER B 100 29.73 6.54 8.79
N PHE B 101 30.82 6.54 8.02
CA PHE B 101 31.03 5.48 7.03
C PHE B 101 30.94 4.10 7.69
N PRO B 102 30.27 3.15 7.02
CA PRO B 102 30.16 1.82 7.62
C PRO B 102 31.52 1.11 7.62
N THR B 103 31.75 0.32 8.66
CA THR B 103 33.01 -0.38 8.86
C THR B 103 33.36 -1.37 7.76
N ASP B 104 34.64 -1.43 7.43
CA ASP B 104 35.07 -2.39 6.38
C ASP B 104 35.01 -3.80 6.99
N ALA B 105 35.46 -3.95 8.24
CA ALA B 105 35.32 -5.23 9.00
C ALA B 105 33.91 -5.44 9.57
N ASP B 106 33.60 -6.71 9.76
CA ASP B 106 32.38 -7.16 10.37
C ASP B 106 32.59 -7.04 11.86
N VAL B 107 31.93 -6.06 12.46
CA VAL B 107 32.01 -5.83 13.88
C VAL B 107 30.68 -6.00 14.60
N GLN B 108 30.75 -6.21 15.92
CA GLN B 108 29.58 -6.21 16.78
C GLN B 108 29.40 -4.84 17.47
N PHE B 109 28.23 -4.61 18.00
CA PHE B 109 27.93 -3.44 18.84
C PHE B 109 28.00 -2.07 18.11
N VAL B 110 27.87 -2.10 16.78
CA VAL B 110 27.91 -0.89 15.96
C VAL B 110 26.76 -0.90 14.98
N ILE B 111 25.88 0.05 15.15
CA ILE B 111 24.72 0.19 14.32
C ILE B 111 25.01 1.29 13.30
N GLN B 112 25.23 0.86 12.07
CA GLN B 112 25.63 1.74 11.00
C GLN B 112 24.48 2.27 10.16
N MET B 113 24.08 3.48 10.49
CA MET B 113 22.98 4.13 9.81
C MET B 113 23.18 4.39 8.33
N ARG B 114 24.45 4.57 7.89
CA ARG B 114 24.67 4.94 6.51
C ARG B 114 24.78 3.68 5.63
N PRO B 115 23.92 3.53 4.61
CA PRO B 115 24.03 2.40 3.73
C PRO B 115 25.32 2.41 2.91
N ALA B 116 25.79 1.21 2.57
CA ALA B 116 26.89 1.00 1.63
C ALA B 116 26.58 1.57 0.25
N LEU B 117 27.59 2.11 -0.39
CA LEU B 117 27.49 2.67 -1.70
C LEU B 117 27.97 1.75 -2.84
N LYS B 118 28.77 0.73 -2.53
CA LYS B 118 29.46 -0.01 -3.57
C LYS B 118 28.53 -0.73 -4.58
N GLY B 119 27.46 -1.30 -4.10
CA GLY B 119 26.50 -1.99 -4.94
C GLY B 119 25.91 -1.05 -5.99
N ALA B 120 25.49 0.14 -5.58
CA ALA B 120 24.91 1.11 -6.47
C ALA B 120 25.89 1.61 -7.50
N ILE B 121 27.12 1.87 -7.06
CA ILE B 121 28.17 2.28 -7.99
C ILE B 121 28.45 1.21 -9.04
N LEU B 122 28.63 -0.03 -8.63
CA LEU B 122 28.89 -1.11 -9.60
C LEU B 122 27.72 -1.26 -10.59
N SER B 123 26.47 -1.13 -10.11
CA SER B 123 25.35 -1.24 -11.02
C SER B 123 25.33 -0.10 -12.04
N LEU B 124 25.68 1.11 -11.62
CA LEU B 124 25.66 2.24 -12.57
C LEU B 124 26.84 2.16 -13.54
N LEU B 125 28.00 1.72 -13.08
CA LEU B 125 29.12 1.48 -13.99
C LEU B 125 28.71 0.48 -15.08
N SER B 126 27.98 -0.56 -14.72
CA SER B 126 27.49 -1.55 -15.69
C SER B 126 26.41 -0.93 -16.60
N TYR B 127 25.48 -0.17 -16.03
CA TYR B 127 24.45 0.46 -16.80
C TYR B 127 24.99 1.40 -17.87
N TYR B 128 25.97 2.22 -17.51
CA TYR B 128 26.65 3.09 -18.49
C TYR B 128 27.69 2.39 -19.39
N LYS B 129 27.97 1.12 -19.11
CA LYS B 129 28.97 0.35 -19.85
C LYS B 129 30.38 0.97 -19.82
N TRP B 130 30.75 1.54 -18.69
CA TRP B 130 32.09 2.06 -18.52
C TRP B 130 33.08 0.88 -18.45
N GLU B 131 34.13 0.90 -19.26
CA GLU B 131 35.13 -0.15 -19.31
C GLU B 131 36.50 0.45 -19.18
N LYS B 132 36.60 1.73 -19.54
CA LYS B 132 37.79 2.49 -19.38
C LYS B 132 37.48 3.79 -18.66
N PHE B 133 38.09 3.96 -17.47
CA PHE B 133 37.76 5.12 -16.62
C PHE B 133 38.81 5.40 -15.56
N VAL B 134 38.74 6.65 -15.07
CA VAL B 134 39.61 7.13 -13.99
C VAL B 134 38.87 6.93 -12.68
N TYR B 135 39.58 6.42 -11.68
CA TYR B 135 39.07 6.24 -10.34
C TYR B 135 39.88 7.10 -9.40
N LEU B 136 39.35 8.27 -9.02
CA LEU B 136 39.99 9.15 -8.04
C LEU B 136 39.37 8.86 -6.69
N TYR B 137 40.19 8.57 -5.68
CA TYR B 137 39.65 8.24 -4.36
C TYR B 137 40.46 8.75 -3.23
N ASP B 138 39.78 8.83 -2.09
CA ASP B 138 40.37 9.09 -0.79
C ASP B 138 39.88 7.91 0.09
N THR B 139 40.53 7.70 1.21
CA THR B 139 40.23 6.57 2.09
C THR B 139 39.48 7.01 3.32
N GLU B 140 38.92 8.23 3.32
CA GLU B 140 38.20 8.75 4.47
C GLU B 140 36.92 7.99 4.86
N ARG B 141 36.36 7.23 3.93
CA ARG B 141 35.20 6.42 4.18
C ARG B 141 35.54 4.94 4.05
N GLY B 142 36.79 4.57 4.38
CA GLY B 142 37.18 3.17 4.25
C GLY B 142 37.61 2.68 2.89
N PHE B 143 37.86 1.40 2.81
CA PHE B 143 38.45 0.73 1.61
C PHE B 143 37.47 -0.19 0.89
N SER B 144 36.25 -0.25 1.35
CA SER B 144 35.25 -1.18 0.78
C SER B 144 34.93 -0.86 -0.69
N VAL B 145 34.73 0.43 -0.99
CA VAL B 145 34.48 0.84 -2.37
C VAL B 145 35.71 0.56 -3.24
N LEU B 146 36.89 0.94 -2.76
CA LEU B 146 38.13 0.73 -3.50
C LEU B 146 38.28 -0.73 -3.87
N GLN B 147 38.08 -1.60 -2.90
CA GLN B 147 38.29 -3.02 -3.12
C GLN B 147 37.28 -3.55 -4.14
N ALA B 148 36.02 -3.11 -4.04
CA ALA B 148 35.01 -3.56 -4.97
C ALA B 148 35.32 -3.12 -6.39
N ILE B 149 35.76 -1.88 -6.56
CA ILE B 149 36.15 -1.40 -7.88
C ILE B 149 37.31 -2.21 -8.45
N MET B 150 38.33 -2.44 -7.65
CA MET B 150 39.49 -3.21 -8.13
C MET B 150 39.11 -4.66 -8.49
N GLU B 151 38.26 -5.29 -7.69
CA GLU B 151 37.80 -6.68 -7.94
C GLU B 151 37.01 -6.78 -9.25
N ALA B 152 36.17 -5.76 -9.50
CA ALA B 152 35.27 -5.76 -10.70
C ALA B 152 36.03 -5.35 -11.94
N ALA B 153 37.05 -4.49 -11.85
CA ALA B 153 38.03 -4.30 -12.89
C ALA B 153 38.65 -5.62 -13.43
N VAL B 154 39.18 -6.42 -12.52
CA VAL B 154 39.77 -7.68 -12.91
C VAL B 154 38.71 -8.60 -13.57
N GLN B 155 37.61 -8.81 -12.86
CA GLN B 155 36.55 -9.73 -13.31
C GLN B 155 35.93 -9.32 -14.63
N ASN B 156 35.85 -8.03 -14.91
CA ASN B 156 35.15 -7.51 -16.08
C ASN B 156 36.09 -7.06 -17.16
N ASN B 157 37.39 -7.31 -16.98
CA ASN B 157 38.41 -6.80 -17.87
C ASN B 157 38.36 -5.27 -18.13
N TRP B 158 38.20 -4.50 -17.07
CA TRP B 158 38.22 -3.04 -17.23
C TRP B 158 39.61 -2.45 -17.18
N GLN B 159 39.76 -1.25 -17.75
CA GLN B 159 40.98 -0.49 -17.62
C GLN B 159 40.67 0.70 -16.72
N VAL B 160 40.93 0.49 -15.44
CA VAL B 160 40.72 1.47 -14.39
C VAL B 160 42.05 2.10 -14.02
N THR B 161 42.19 3.41 -14.27
CA THR B 161 43.34 4.16 -13.81
C THR B 161 43.02 4.73 -12.44
N ALA B 162 43.60 4.16 -11.40
CA ALA B 162 43.24 4.50 -10.03
C ALA B 162 44.30 5.44 -9.47
N ARG B 163 43.85 6.52 -8.84
CA ARG B 163 44.75 7.49 -8.24
C ARG B 163 44.24 7.92 -6.89
N SER B 164 45.06 7.69 -5.88
CA SER B 164 44.79 8.05 -4.52
C SER B 164 45.06 9.53 -4.36
N VAL B 165 44.04 10.32 -4.01
CA VAL B 165 44.21 11.75 -3.90
C VAL B 165 43.95 12.37 -2.54
N GLY B 166 43.71 11.53 -1.54
CA GLY B 166 43.44 12.00 -0.20
C GLY B 166 44.48 12.87 0.49
N ASN B 167 45.73 12.78 0.06
CA ASN B 167 46.80 13.58 0.69
C ASN B 167 47.17 14.87 -0.04
N ILE B 168 46.50 15.16 -1.15
CA ILE B 168 46.83 16.34 -1.91
C ILE B 168 46.46 17.65 -1.21
N LYS B 169 47.46 18.50 -1.01
CA LYS B 169 47.25 19.84 -0.42
C LYS B 169 47.28 20.93 -1.49
N ASP B 170 48.18 20.79 -2.45
CA ASP B 170 48.42 21.76 -3.50
C ASP B 170 47.51 21.38 -4.68
N VAL B 171 46.58 22.27 -5.01
CA VAL B 171 45.64 22.03 -6.08
C VAL B 171 46.25 21.78 -7.45
N GLN B 172 47.48 22.25 -7.67
CA GLN B 172 48.20 21.96 -8.91
C GLN B 172 48.36 20.44 -9.14
N GLU B 173 48.49 19.68 -8.07
CA GLU B 173 48.60 18.21 -8.18
C GLU B 173 47.32 17.59 -8.76
N PHE B 174 46.17 18.18 -8.48
CA PHE B 174 44.94 17.69 -9.07
C PHE B 174 45.01 17.94 -10.57
N ARG B 175 45.49 19.13 -10.92
CA ARG B 175 45.62 19.53 -12.31
C ARG B 175 46.57 18.58 -13.05
N ARG B 176 47.64 18.20 -12.40
CA ARG B 176 48.59 17.30 -13.03
C ARG B 176 47.96 15.95 -13.36
N ILE B 177 47.17 15.43 -12.45
CA ILE B 177 46.50 14.15 -12.63
C ILE B 177 45.48 14.25 -13.78
N ILE B 178 44.68 15.31 -13.77
CA ILE B 178 43.72 15.53 -14.86
C ILE B 178 44.43 15.57 -16.24
N GLU B 179 45.53 16.29 -16.31
CA GLU B 179 46.26 16.44 -17.58
C GLU B 179 46.87 15.13 -17.98
N GLU B 180 47.39 14.38 -17.02
CA GLU B 180 47.87 12.99 -17.30
C GLU B 180 46.74 12.12 -17.86
N MET B 181 45.56 12.20 -17.27
CA MET B 181 44.40 11.42 -17.74
C MET B 181 43.99 11.83 -19.17
N ASP B 182 44.12 13.10 -19.48
CA ASP B 182 43.83 13.64 -20.81
C ASP B 182 44.72 13.02 -21.85
N ARG B 183 45.98 12.86 -21.50
CA ARG B 183 46.94 12.28 -22.40
C ARG B 183 46.58 10.82 -22.68
N ARG B 184 45.72 10.24 -21.84
CA ARG B 184 45.27 8.89 -22.03
C ARG B 184 43.87 8.84 -22.62
N GLN B 185 43.46 10.00 -23.14
CA GLN B 185 42.11 10.17 -23.67
CA GLN B 185 42.12 10.17 -23.67
C GLN B 185 40.83 9.77 -22.73
N GLU B 186 41.07 10.01 -21.45
CA GLU B 186 40.06 9.64 -20.47
C GLU B 186 38.95 10.67 -20.39
N LYS B 187 37.71 10.21 -20.49
CA LYS B 187 36.53 11.12 -20.38
C LYS B 187 35.63 10.84 -19.19
N ARG B 188 35.80 9.69 -18.56
CA ARG B 188 34.91 9.20 -17.57
C ARG B 188 35.65 9.06 -16.25
N TYR B 189 35.12 9.72 -15.22
CA TYR B 189 35.74 9.75 -13.89
C TYR B 189 34.77 9.29 -12.82
N LEU B 190 35.20 8.32 -12.03
CA LEU B 190 34.53 7.91 -10.79
C LEU B 190 35.31 8.58 -9.64
N ILE B 191 34.64 9.46 -8.88
CA ILE B 191 35.27 10.22 -7.82
C ILE B 191 34.65 9.76 -6.50
N ASP B 192 35.46 9.03 -5.72
CA ASP B 192 35.10 8.44 -4.40
C ASP B 192 35.94 9.19 -3.34
N CYS B 193 35.50 10.42 -3.08
CA CYS B 193 36.17 11.27 -2.12
C CYS B 193 35.16 11.99 -1.27
N GLU B 194 35.65 12.70 -0.26
CA GLU B 194 34.82 13.49 0.63
C GLU B 194 34.28 14.69 -0.15
N VAL B 195 33.15 15.21 0.29
CA VAL B 195 32.51 16.31 -0.43
C VAL B 195 33.41 17.53 -0.56
N GLU B 196 34.15 17.87 0.49
CA GLU B 196 35.04 19.02 0.41
C GLU B 196 36.09 18.74 -0.66
N ARG B 197 36.63 17.54 -0.70
CA ARG B 197 37.63 17.18 -1.71
CA ARG B 197 37.65 17.09 -1.72
C ARG B 197 37.09 17.18 -3.15
N ILE B 198 35.88 16.66 -3.32
CA ILE B 198 35.29 16.62 -4.65
C ILE B 198 35.11 18.03 -5.20
N ASN B 199 34.67 18.93 -4.33
CA ASN B 199 34.46 20.33 -4.67
C ASN B 199 35.77 20.95 -5.16
N THR B 200 36.85 20.61 -4.48
CA THR B 200 38.15 21.13 -4.87
C THR B 200 38.51 20.62 -6.26
N ILE B 201 38.27 19.34 -6.51
CA ILE B 201 38.57 18.74 -7.80
C ILE B 201 37.76 19.41 -8.91
N LEU B 202 36.46 19.52 -8.72
CA LEU B 202 35.61 20.16 -9.73
C LEU B 202 35.98 21.64 -9.98
N GLU B 203 36.48 22.35 -8.98
CA GLU B 203 36.96 23.73 -9.20
C GLU B 203 38.19 23.70 -10.13
N GLN B 204 39.07 22.71 -9.97
CA GLN B 204 40.20 22.58 -10.86
C GLN B 204 39.77 22.23 -12.26
N VAL B 205 38.75 21.38 -12.40
CA VAL B 205 38.18 21.11 -13.71
C VAL B 205 37.73 22.44 -14.43
N VAL B 206 37.05 23.30 -13.70
CA VAL B 206 36.54 24.54 -14.23
C VAL B 206 37.70 25.52 -14.55
N ILE B 207 38.69 25.62 -13.66
CA ILE B 207 39.83 26.52 -13.86
C ILE B 207 40.64 26.09 -15.06
N LEU B 208 40.83 24.80 -15.23
CA LEU B 208 41.54 24.33 -16.41
C LEU B 208 40.80 24.71 -17.68
N GLY B 209 39.46 24.68 -17.64
CA GLY B 209 38.69 24.79 -18.86
C GLY B 209 38.83 23.50 -19.63
N LYS B 210 37.92 23.32 -20.60
CA LYS B 210 37.92 22.23 -21.56
C LYS B 210 37.76 20.86 -20.92
N HIS B 211 37.34 20.78 -19.66
CA HIS B 211 37.16 19.45 -19.04
C HIS B 211 35.72 19.21 -18.65
N SER B 212 34.81 19.98 -19.23
CA SER B 212 33.36 19.83 -18.97
C SER B 212 32.64 19.13 -20.12
N ARG B 213 32.40 19.79 -21.24
CA ARG B 213 31.78 19.14 -22.40
C ARG B 213 32.59 17.93 -22.82
N GLY B 214 31.89 16.78 -22.99
CA GLY B 214 32.45 15.54 -23.40
C GLY B 214 32.99 14.65 -22.24
N TYR B 215 32.86 15.14 -21.01
CA TYR B 215 33.26 14.43 -19.82
C TYR B 215 32.02 14.00 -19.02
N HIS B 216 32.18 12.91 -18.26
CA HIS B 216 31.17 12.40 -17.36
C HIS B 216 31.81 12.10 -15.98
N TYR B 217 31.30 12.73 -14.94
CA TYR B 217 31.75 12.58 -13.57
C TYR B 217 30.71 11.81 -12.74
N MET B 218 31.08 10.65 -12.23
CA MET B 218 30.23 9.88 -11.33
C MET B 218 30.72 10.17 -9.92
N LEU B 219 29.89 10.85 -9.14
CA LEU B 219 30.30 11.33 -7.82
C LEU B 219 29.79 10.37 -6.73
N ALA B 220 30.72 9.55 -6.23
CA ALA B 220 30.36 8.47 -5.35
C ALA B 220 30.37 8.95 -3.88
N ASN B 221 29.32 9.70 -3.52
CA ASN B 221 29.21 10.26 -2.21
C ASN B 221 27.74 10.58 -2.02
N LEU B 222 27.17 10.09 -0.92
CA LEU B 222 25.76 10.35 -0.60
C LEU B 222 25.48 11.82 -0.27
N GLY B 223 26.56 12.62 -0.10
CA GLY B 223 26.44 14.07 0.16
C GLY B 223 26.26 14.93 -1.08
N PHE B 224 25.65 14.36 -2.10
CA PHE B 224 25.36 14.98 -3.38
C PHE B 224 24.88 16.43 -3.29
N THR B 225 23.92 16.68 -2.42
CA THR B 225 23.35 18.04 -2.32
C THR B 225 24.29 19.08 -1.79
N ASP B 226 25.44 18.67 -1.24
CA ASP B 226 26.45 19.61 -0.77
C ASP B 226 27.58 19.83 -1.75
N ILE B 227 27.51 19.14 -2.88
CA ILE B 227 28.54 19.26 -3.88
C ILE B 227 28.29 20.53 -4.72
N LEU B 228 29.35 21.30 -4.93
CA LEU B 228 29.32 22.56 -5.68
C LEU B 228 29.66 22.24 -7.10
N LEU B 229 28.63 21.98 -7.90
CA LEU B 229 28.83 21.46 -9.24
C LEU B 229 28.26 22.43 -10.33
N GLU B 230 27.76 23.58 -9.92
CA GLU B 230 27.09 24.50 -10.87
C GLU B 230 27.97 24.90 -12.05
N ARG B 231 29.19 25.32 -11.76
CA ARG B 231 30.10 25.74 -12.82
C ARG B 231 30.44 24.61 -13.79
N VAL B 232 30.59 23.40 -13.27
CA VAL B 232 30.84 22.23 -14.12
C VAL B 232 29.65 21.97 -15.04
N MET B 233 28.45 22.03 -14.48
CA MET B 233 27.21 21.80 -15.24
CA MET B 233 27.23 21.81 -15.24
C MET B 233 27.04 22.85 -16.36
N HIS B 234 27.36 24.09 -16.08
CA HIS B 234 27.30 25.17 -17.08
C HIS B 234 28.28 25.01 -18.27
N GLY B 235 29.34 24.20 -18.12
CA GLY B 235 30.25 23.94 -19.21
C GLY B 235 29.90 22.71 -20.06
N GLY B 236 28.82 22.02 -19.73
CA GLY B 236 28.39 20.85 -20.50
C GLY B 236 28.72 19.44 -19.99
N ALA B 237 29.31 19.33 -18.82
CA ALA B 237 29.60 17.99 -18.22
C ALA B 237 28.38 17.16 -17.99
N ASN B 238 28.49 15.85 -18.10
CA ASN B 238 27.49 14.95 -17.45
C ASN B 238 27.93 14.65 -16.04
N ILE B 239 26.99 14.61 -15.12
CA ILE B 239 27.23 14.23 -13.74
C ILE B 239 26.20 13.17 -13.29
N THR B 240 26.67 12.17 -12.58
CA THR B 240 25.81 11.18 -11.94
C THR B 240 26.04 11.22 -10.43
N GLY B 241 24.95 11.26 -9.67
CA GLY B 241 25.01 11.34 -8.23
C GLY B 241 24.06 10.34 -7.54
N PHE B 242 24.20 10.26 -6.22
CA PHE B 242 23.45 9.30 -5.39
C PHE B 242 22.96 9.99 -4.14
N GLN B 243 21.71 9.68 -3.73
CA GLN B 243 21.14 10.18 -2.48
C GLN B 243 20.26 9.13 -1.82
N ILE B 244 20.10 9.27 -0.50
CA ILE B 244 19.21 8.40 0.28
C ILE B 244 18.11 9.22 0.98
N VAL B 245 17.97 10.49 0.63
CA VAL B 245 16.88 11.34 1.16
C VAL B 245 16.05 11.79 -0.05
N ASN B 246 14.76 11.57 -0.02
CA ASN B 246 13.86 12.07 -1.07
C ASN B 246 13.11 13.28 -0.52
N ASN B 247 13.38 14.44 -1.05
CA ASN B 247 12.80 15.70 -0.53
C ASN B 247 11.26 15.75 -0.66
N GLU B 248 10.68 14.93 -1.54
CA GLU B 248 9.22 14.86 -1.69
C GLU B 248 8.53 13.87 -0.78
N ASN B 249 9.28 13.00 -0.11
CA ASN B 249 8.78 12.08 0.93
C ASN B 249 8.13 12.94 2.03
N PRO B 250 6.84 12.69 2.38
CA PRO B 250 6.17 13.60 3.32
C PRO B 250 6.82 13.65 4.71
N MET B 251 7.41 12.54 5.17
CA MET B 251 8.19 12.61 6.41
C MET B 251 9.35 13.60 6.31
N VAL B 252 10.05 13.58 5.19
CA VAL B 252 11.15 14.52 4.98
C VAL B 252 10.58 15.97 4.89
N GLN B 253 9.53 16.16 4.10
CA GLN B 253 8.88 17.48 3.99
C GLN B 253 8.42 18.03 5.33
N GLN B 254 7.82 17.20 6.19
CA GLN B 254 7.33 17.70 7.46
C GLN B 254 8.48 17.95 8.45
N PHE B 255 9.54 17.15 8.38
CA PHE B 255 10.75 17.47 9.13
C PHE B 255 11.33 18.83 8.68
N ILE B 256 11.55 18.98 7.40
CA ILE B 256 12.18 20.19 6.82
C ILE B 256 11.38 21.46 7.18
N GLN B 257 10.07 21.38 7.07
CA GLN B 257 9.18 22.54 7.37
C GLN B 257 9.31 23.02 8.81
N ARG B 258 9.45 22.11 9.76
CA ARG B 258 9.70 22.49 11.14
C ARG B 258 11.16 22.90 11.34
N TRP B 259 12.08 22.14 10.77
CA TRP B 259 13.50 22.39 10.89
C TRP B 259 13.92 23.81 10.45
N VAL B 260 13.46 24.25 9.29
CA VAL B 260 13.81 25.57 8.80
C VAL B 260 13.18 26.72 9.59
N ARG B 261 12.25 26.43 10.48
CA ARG B 261 11.64 27.44 11.37
CA ARG B 261 11.64 27.43 11.37
C ARG B 261 12.28 27.49 12.76
N LEU B 262 13.26 26.65 13.03
CA LEU B 262 13.93 26.66 14.34
C LEU B 262 14.78 27.92 14.53
N ASP B 263 14.97 28.29 15.79
CA ASP B 263 15.85 29.41 16.17
C ASP B 263 17.31 29.11 15.78
N GLU B 264 17.94 29.97 14.98
CA GLU B 264 19.35 29.74 14.55
C GLU B 264 20.35 29.72 15.71
N ARG B 265 20.02 30.42 16.79
CA ARG B 265 20.90 30.44 17.95
C ARG B 265 20.86 29.11 18.72
N GLU B 266 19.69 28.50 18.90
CA GLU B 266 19.62 27.22 19.60
C GLU B 266 19.87 26.03 18.68
N PHE B 267 19.66 26.20 17.38
CA PHE B 267 19.86 25.13 16.37
C PHE B 267 20.71 25.64 15.23
N PRO B 268 22.00 25.89 15.50
CA PRO B 268 22.89 26.34 14.43
C PRO B 268 22.91 25.39 13.20
N GLU B 269 23.01 26.02 12.03
CA GLU B 269 23.03 25.38 10.74
C GLU B 269 21.69 24.81 10.26
N ALA B 270 20.59 25.07 10.96
CA ALA B 270 19.29 24.72 10.45
C ALA B 270 18.84 25.69 9.33
N LYS B 271 19.16 26.99 9.49
CA LYS B 271 18.89 27.99 8.42
C LYS B 271 20.08 28.40 7.62
N ASN B 272 21.28 28.13 8.07
CA ASN B 272 22.54 28.60 7.44
C ASN B 272 23.07 27.69 6.33
N ALA B 273 22.52 26.48 6.18
CA ALA B 273 23.00 25.51 5.21
C ALA B 273 21.89 24.51 4.89
N PRO B 274 21.88 23.95 3.70
CA PRO B 274 20.84 22.91 3.47
C PRO B 274 21.11 21.67 4.31
N LEU B 275 20.09 20.87 4.47
CA LEU B 275 20.16 19.72 5.33
C LEU B 275 21.15 18.68 4.73
N LYS B 276 22.18 18.35 5.48
CA LYS B 276 23.11 17.30 5.09
C LYS B 276 22.42 15.95 5.29
N TYR B 277 22.72 14.98 4.44
CA TYR B 277 22.14 13.66 4.58
C TYR B 277 22.52 13.02 5.91
N THR B 278 23.69 13.39 6.44
CA THR B 278 24.13 12.86 7.75
C THR B 278 23.29 13.41 8.90
N SER B 279 22.66 14.57 8.69
CA SER B 279 21.72 15.12 9.66
C SER B 279 20.42 14.36 9.59
N ALA B 280 19.96 14.03 8.40
CA ALA B 280 18.81 13.13 8.23
C ALA B 280 19.06 11.76 8.89
N LEU B 281 20.26 11.24 8.72
CA LEU B 281 20.63 9.98 9.36
C LEU B 281 20.67 10.09 10.87
N THR B 282 21.04 11.27 11.37
CA THR B 282 21.04 11.55 12.79
C THR B 282 19.62 11.50 13.35
N HIS B 283 18.68 12.16 12.67
CA HIS B 283 17.27 12.02 13.01
C HIS B 283 16.84 10.55 13.03
N ASP B 284 17.23 9.82 11.98
CA ASP B 284 16.86 8.41 11.86
C ASP B 284 17.46 7.56 12.96
N ALA B 285 18.65 7.93 13.42
CA ALA B 285 19.23 7.27 14.57
C ALA B 285 18.36 7.34 15.81
N ILE B 286 17.79 8.52 16.09
CA ILE B 286 16.92 8.67 17.20
C ILE B 286 15.64 7.82 17.00
N LEU B 287 15.18 7.69 15.77
CA LEU B 287 14.02 6.85 15.47
C LEU B 287 14.33 5.40 15.83
N VAL B 288 15.50 4.94 15.46
CA VAL B 288 15.93 3.56 15.71
C VAL B 288 16.10 3.29 17.22
N ILE B 289 16.76 4.21 17.91
CA ILE B 289 16.93 4.10 19.32
C ILE B 289 15.58 4.07 20.07
N ALA B 290 14.66 4.97 19.72
CA ALA B 290 13.37 4.98 20.34
C ALA B 290 12.60 3.68 20.09
N GLU B 291 12.62 3.18 18.88
CA GLU B 291 11.93 1.93 18.54
C GLU B 291 12.49 0.73 19.36
N ALA B 292 13.80 0.70 19.47
CA ALA B 292 14.46 -0.39 20.15
C ALA B 292 14.07 -0.38 21.61
N PHE B 293 14.11 0.79 22.22
CA PHE B 293 13.79 0.90 23.63
C PHE B 293 12.30 0.75 23.93
N ARG B 294 11.45 1.11 22.99
CA ARG B 294 10.05 0.84 23.15
C ARG B 294 9.85 -0.71 23.17
N TYR B 295 10.55 -1.43 22.31
CA TYR B 295 10.47 -2.87 22.20
C TYR B 295 10.90 -3.50 23.52
N LEU B 296 12.02 -3.02 24.05
CA LEU B 296 12.56 -3.56 25.30
C LEU B 296 11.59 -3.36 26.44
N ARG B 297 10.96 -2.21 26.48
CA ARG B 297 9.96 -1.95 27.49
C ARG B 297 8.78 -2.85 27.42
N ARG B 298 8.20 -3.02 26.24
CA ARG B 298 7.05 -3.93 26.07
C ARG B 298 7.38 -5.36 26.54
N GLN B 299 8.62 -5.80 26.36
CA GLN B 299 9.04 -7.11 26.75
C GLN B 299 9.49 -7.20 28.19
N ARG B 300 9.39 -6.11 28.93
CA ARG B 300 9.84 -6.02 30.31
C ARG B 300 11.30 -6.43 30.47
N VAL B 301 12.15 -6.07 29.51
CA VAL B 301 13.54 -6.48 29.58
C VAL B 301 14.21 -5.58 30.60
N ASP B 302 15.09 -6.17 31.42
CA ASP B 302 15.88 -5.42 32.36
C ASP B 302 16.93 -4.62 31.56
N VAL B 303 16.80 -3.29 31.57
CA VAL B 303 17.81 -2.46 30.90
C VAL B 303 18.76 -1.77 31.88
N SER B 304 18.66 -2.04 33.18
CA SER B 304 19.30 -1.27 34.26
C SER B 304 18.48 0.00 34.56
N ARG B 305 18.59 0.50 35.81
CA ARG B 305 17.94 1.77 36.28
C ARG B 305 18.63 3.06 35.79
N ARG B 306 19.97 3.06 35.68
CA ARG B 306 20.78 4.25 35.37
C ARG B 306 21.76 4.11 34.18
N GLY B 307 21.81 2.95 33.53
CA GLY B 307 22.66 2.73 32.33
C GLY B 307 23.87 1.86 32.63
N SER B 308 24.84 1.88 31.71
CA SER B 308 26.06 1.08 31.91
CA SER B 308 26.16 1.23 31.83
C SER B 308 26.84 1.64 33.14
N ALA B 309 27.55 0.72 33.82
CA ALA B 309 28.29 1.09 35.05
C ALA B 309 29.72 0.55 35.08
N GLY B 310 30.60 1.23 35.78
CA GLY B 310 31.95 0.71 35.92
C GLY B 310 33.09 1.46 35.29
N ASP B 311 34.23 0.82 35.33
CA ASP B 311 35.47 1.35 34.82
C ASP B 311 35.74 0.64 33.51
N CYS B 312 36.15 1.42 32.54
CA CYS B 312 36.46 0.92 31.22
C CYS B 312 37.55 -0.10 31.21
N LEU B 313 38.57 0.16 32.01
CA LEU B 313 39.75 -0.66 32.09
C LEU B 313 39.73 -1.64 33.24
N ALA B 314 38.55 -1.90 33.79
CA ALA B 314 38.39 -2.87 34.85
C ALA B 314 38.97 -4.22 34.46
N ASN B 315 39.72 -4.83 35.36
CA ASN B 315 40.34 -6.14 35.07
C ASN B 315 39.89 -7.12 36.18
N PRO B 316 39.22 -8.22 35.81
CA PRO B 316 38.83 -8.57 34.42
C PRO B 316 37.73 -7.63 33.82
N ALA B 317 37.63 -7.58 32.48
CA ALA B 317 36.61 -6.77 31.79
C ALA B 317 35.26 -7.51 31.89
N VAL B 318 34.26 -6.86 32.51
CA VAL B 318 32.98 -7.49 32.77
C VAL B 318 31.88 -6.72 32.01
N PRO B 319 31.53 -7.13 30.78
CA PRO B 319 30.53 -6.35 30.04
C PRO B 319 29.18 -6.31 30.73
N TRP B 320 28.48 -5.22 30.57
CA TRP B 320 27.13 -5.20 31.15
C TRP B 320 26.18 -6.20 30.46
N SER B 321 25.42 -6.79 31.34
CA SER B 321 24.52 -7.87 31.00
C SER B 321 23.44 -7.53 29.98
N GLN B 322 22.93 -6.33 30.11
CA GLN B 322 21.82 -5.86 29.29
C GLN B 322 22.30 -5.50 27.90
N GLY B 323 23.63 -5.35 27.70
CA GLY B 323 24.18 -4.86 26.41
C GLY B 323 23.77 -5.68 25.21
N ILE B 324 23.84 -6.99 25.35
CA ILE B 324 23.48 -7.86 24.21
C ILE B 324 21.98 -7.71 23.81
N ASP B 325 21.11 -7.56 24.80
CA ASP B 325 19.69 -7.38 24.53
C ASP B 325 19.39 -6.03 23.83
N ILE B 326 20.10 -4.98 24.24
CA ILE B 326 20.00 -3.70 23.60
C ILE B 326 20.47 -3.73 22.16
N GLU B 327 21.65 -4.36 21.91
CA GLU B 327 22.17 -4.48 20.58
C GLU B 327 21.18 -5.22 19.68
N ARG B 328 20.62 -6.31 20.18
CA ARG B 328 19.66 -7.10 19.38
C ARG B 328 18.44 -6.27 19.08
N ALA B 329 17.90 -5.58 20.09
CA ALA B 329 16.72 -4.72 19.85
C ALA B 329 17.01 -3.64 18.78
N LEU B 330 18.22 -3.04 18.86
CA LEU B 330 18.60 -2.08 17.84
C LEU B 330 18.64 -2.67 16.44
N LYS B 331 19.26 -3.84 16.30
CA LYS B 331 19.45 -4.44 14.99
C LYS B 331 18.20 -5.09 14.38
N MET B 332 17.20 -5.36 15.21
CA MET B 332 15.93 -5.93 14.70
CA MET B 332 15.91 -5.94 14.72
C MET B 332 14.91 -4.87 14.24
N VAL B 333 15.19 -3.58 14.42
CA VAL B 333 14.21 -2.56 14.06
C VAL B 333 13.87 -2.57 12.55
N GLN B 334 12.63 -2.24 12.24
CA GLN B 334 12.22 -2.06 10.89
C GLN B 334 11.32 -0.84 10.90
N VAL B 335 11.87 0.30 10.51
CA VAL B 335 11.17 1.57 10.60
C VAL B 335 11.38 2.41 9.34
N GLN B 336 10.42 3.29 9.09
CA GLN B 336 10.48 4.24 7.98
C GLN B 336 11.04 5.56 8.50
N GLY B 337 12.09 6.04 7.87
CA GLY B 337 12.74 7.29 8.32
C GLY B 337 12.89 8.26 7.15
N MET B 338 13.66 9.31 7.40
CA MET B 338 13.99 10.28 6.35
C MET B 338 14.83 9.63 5.28
N THR B 339 15.55 8.54 5.64
CA THR B 339 16.36 7.80 4.67
C THR B 339 15.67 6.50 4.21
N GLY B 340 14.35 6.51 4.29
CA GLY B 340 13.49 5.45 3.76
C GLY B 340 13.44 4.26 4.74
N ASN B 341 13.35 3.03 4.19
CA ASN B 341 13.21 1.85 4.99
C ASN B 341 14.51 1.62 5.72
N ILE B 342 14.44 1.47 7.02
CA ILE B 342 15.58 1.21 7.91
C ILE B 342 15.47 -0.16 8.56
N GLN B 343 16.44 -1.02 8.22
CA GLN B 343 16.60 -2.37 8.72
C GLN B 343 18.10 -2.66 8.73
N PHE B 344 18.53 -3.57 9.59
CA PHE B 344 19.93 -3.91 9.71
C PHE B 344 20.23 -5.40 9.65
N ASP B 345 21.43 -5.74 9.24
CA ASP B 345 21.86 -7.13 9.27
C ASP B 345 22.58 -7.38 10.59
N THR B 346 23.09 -8.58 10.80
CA THR B 346 23.73 -8.96 12.03
C THR B 346 24.96 -8.11 12.41
N TYR B 347 25.67 -7.56 11.42
CA TYR B 347 26.83 -6.72 11.63
C TYR B 347 26.47 -5.23 11.72
N GLY B 348 25.21 -4.93 11.91
CA GLY B 348 24.76 -3.56 12.05
C GLY B 348 24.73 -2.72 10.78
N ARG B 349 24.82 -3.37 9.64
CA ARG B 349 24.82 -2.66 8.39
C ARG B 349 23.43 -2.48 7.85
N ARG B 350 23.18 -1.39 7.15
CA ARG B 350 21.88 -1.21 6.55
C ARG B 350 21.67 -2.30 5.50
N THR B 351 20.49 -2.85 5.54
CA THR B 351 20.03 -3.83 4.58
C THR B 351 18.61 -3.41 4.14
N ASN B 352 18.21 -3.83 2.92
CA ASN B 352 16.92 -3.58 2.38
C ASN B 352 16.64 -2.04 2.26
N TYR B 353 17.64 -1.30 1.79
CA TYR B 353 17.56 0.18 1.65
C TYR B 353 17.45 0.51 0.18
N THR B 354 17.14 1.77 -0.13
CA THR B 354 17.12 2.25 -1.47
C THR B 354 18.06 3.45 -1.65
N ILE B 355 18.79 3.49 -2.76
CA ILE B 355 19.56 4.65 -3.15
C ILE B 355 18.96 5.24 -4.41
N ASP B 356 18.68 6.51 -4.40
CA ASP B 356 18.18 7.22 -5.60
C ASP B 356 19.37 7.72 -6.44
N VAL B 357 19.23 7.66 -7.76
CA VAL B 357 20.28 8.01 -8.69
C VAL B 357 19.89 9.25 -9.46
N TYR B 358 20.78 10.22 -9.55
CA TYR B 358 20.55 11.49 -10.19
C TYR B 358 21.47 11.72 -11.35
N GLU B 359 20.92 12.30 -12.43
CA GLU B 359 21.71 12.71 -13.60
C GLU B 359 21.54 14.19 -13.89
N MET B 360 22.65 14.84 -14.17
CA MET B 360 22.66 16.21 -14.67
C MET B 360 23.42 16.25 -15.94
N LYS B 361 22.89 17.01 -16.89
CA LYS B 361 23.46 17.16 -18.22
C LYS B 361 23.22 18.60 -18.66
N VAL B 362 23.76 18.96 -19.83
CA VAL B 362 23.58 20.36 -20.31
C VAL B 362 22.10 20.69 -20.58
N SER B 363 21.30 19.67 -20.94
CA SER B 363 19.83 19.82 -21.04
C SER B 363 19.04 20.01 -19.73
N GLY B 364 19.67 19.77 -18.57
CA GLY B 364 18.96 19.83 -17.30
C GLY B 364 19.28 18.65 -16.38
N SER B 365 18.55 18.61 -15.28
CA SER B 365 18.86 17.80 -14.11
C SER B 365 17.63 16.98 -13.71
N ARG B 366 17.79 15.71 -13.31
CA ARG B 366 16.69 14.88 -12.82
C ARG B 366 17.10 13.59 -12.05
N LYS B 367 16.11 13.04 -11.36
CA LYS B 367 16.18 11.73 -10.76
C LYS B 367 16.08 10.71 -11.85
N ALA B 368 17.14 9.96 -12.10
CA ALA B 368 17.22 9.02 -13.23
C ALA B 368 16.68 7.64 -12.90
N GLY B 369 16.56 7.34 -11.63
CA GLY B 369 16.11 6.00 -11.22
C GLY B 369 16.48 5.72 -9.77
N TYR B 370 16.42 4.44 -9.41
CA TYR B 370 16.75 4.01 -8.08
C TYR B 370 17.47 2.66 -8.07
N TRP B 371 18.08 2.35 -6.93
CA TRP B 371 18.86 1.15 -6.72
C TRP B 371 18.50 0.52 -5.41
N ASN B 372 18.27 -0.79 -5.42
CA ASN B 372 18.18 -1.58 -4.19
C ASN B 372 18.87 -2.92 -4.42
N GLU B 373 19.12 -3.68 -3.36
CA GLU B 373 19.92 -4.90 -3.45
C GLU B 373 19.28 -5.97 -4.37
N TYR B 374 17.96 -6.01 -4.45
CA TYR B 374 17.27 -7.13 -5.17
C TYR B 374 17.01 -6.73 -6.61
N GLU B 375 16.47 -5.54 -6.86
CA GLU B 375 16.23 -5.09 -8.23
C GLU B 375 17.49 -4.53 -8.91
N ARG B 376 18.57 -4.25 -8.14
CA ARG B 376 19.70 -3.50 -8.68
C ARG B 376 19.23 -2.14 -9.24
N PHE B 377 19.81 -1.66 -10.33
CA PHE B 377 19.49 -0.34 -10.81
C PHE B 377 18.27 -0.39 -11.69
N VAL B 378 17.23 0.38 -11.34
CA VAL B 378 16.01 0.52 -12.14
C VAL B 378 15.88 1.95 -12.69
N PRO B 379 16.09 2.12 -14.01
CA PRO B 379 15.96 3.46 -14.61
C PRO B 379 14.49 3.87 -14.82
N PHE B 380 14.19 5.16 -14.64
CA PHE B 380 12.87 5.68 -14.97
C PHE B 380 12.69 5.83 -16.49
N PHE C 2 -50.10 6.30 12.47
CA PHE C 2 -48.85 6.85 11.88
C PHE C 2 -48.17 7.82 12.86
N PRO C 3 -46.89 7.63 13.11
CA PRO C 3 -46.28 8.45 14.19
C PRO C 3 -46.22 9.94 13.87
N ASN C 4 -46.28 10.77 14.90
CA ASN C 4 -46.19 12.23 14.74
C ASN C 4 -44.77 12.66 14.40
N THR C 5 -43.78 11.82 14.75
CA THR C 5 -42.38 12.11 14.52
C THR C 5 -41.73 10.92 13.85
N ILE C 6 -41.02 11.18 12.75
CA ILE C 6 -40.19 10.18 12.10
C ILE C 6 -38.76 10.56 12.40
N SER C 7 -37.99 9.60 12.95
CA SER C 7 -36.56 9.87 13.28
C SER C 7 -35.69 9.12 12.30
N ILE C 8 -34.66 9.80 11.79
CA ILE C 8 -33.68 9.16 10.95
C ILE C 8 -32.28 9.30 11.56
N GLY C 9 -31.40 8.40 11.20
CA GLY C 9 -30.02 8.50 11.60
C GLY C 9 -29.22 9.31 10.61
N GLY C 10 -28.11 9.86 11.06
CA GLY C 10 -27.18 10.51 10.17
C GLY C 10 -25.77 10.04 10.50
N LEU C 11 -25.13 9.41 9.50
CA LEU C 11 -23.77 8.88 9.73
C LEU C 11 -22.80 9.65 8.85
N PHE C 12 -22.02 10.49 9.51
CA PHE C 12 -21.10 11.41 8.85
C PHE C 12 -19.67 10.95 9.01
N MET C 13 -18.82 11.26 8.06
CA MET C 13 -17.43 10.85 8.04
C MET C 13 -16.57 12.11 8.02
N ARG C 14 -15.28 11.89 8.08
CA ARG C 14 -14.32 12.95 7.77
C ARG C 14 -14.56 13.56 6.38
N ASN C 15 -14.38 14.85 6.29
CA ASN C 15 -14.49 15.57 5.02
C ASN C 15 -15.95 15.66 4.56
N THR C 16 -16.93 15.66 5.47
CA THR C 16 -18.35 15.85 5.13
C THR C 16 -19.00 17.01 5.87
N VAL C 17 -18.19 18.02 6.24
CA VAL C 17 -18.72 19.12 7.06
C VAL C 17 -19.83 19.88 6.30
N GLN C 18 -19.60 20.24 5.03
CA GLN C 18 -20.58 20.96 4.27
C GLN C 18 -21.87 20.14 4.13
N GLU C 19 -21.72 18.84 3.89
CA GLU C 19 -22.87 17.97 3.72
C GLU C 19 -23.66 17.86 5.00
N HIS C 20 -22.96 17.82 6.14
CA HIS C 20 -23.62 17.89 7.43
C HIS C 20 -24.45 19.19 7.64
N SER C 21 -23.90 20.33 7.25
CA SER C 21 -24.64 21.58 7.22
C SER C 21 -25.86 21.47 6.28
N ALA C 22 -25.67 20.88 5.09
CA ALA C 22 -26.76 20.74 4.13
C ALA C 22 -27.88 19.84 4.67
N PHE C 23 -27.49 18.78 5.39
CA PHE C 23 -28.41 17.84 6.03
C PHE C 23 -29.27 18.55 7.07
N ARG C 24 -28.62 19.28 7.97
CA ARG C 24 -29.34 20.05 8.99
C ARG C 24 -30.26 21.10 8.37
N PHE C 25 -29.75 21.77 7.34
CA PHE C 25 -30.54 22.80 6.67
C PHE C 25 -31.73 22.21 5.94
N ALA C 26 -31.52 21.12 5.21
CA ALA C 26 -32.63 20.49 4.51
C ALA C 26 -33.70 19.94 5.45
N VAL C 27 -33.29 19.41 6.62
CA VAL C 27 -34.26 18.99 7.62
C VAL C 27 -35.04 20.19 8.18
N GLN C 28 -34.34 21.29 8.39
CA GLN C 28 -35.00 22.52 8.83
C GLN C 28 -36.02 23.01 7.80
N LEU C 29 -35.64 23.03 6.52
CA LEU C 29 -36.55 23.42 5.44
C LEU C 29 -37.81 22.55 5.39
N TYR C 30 -37.65 21.23 5.59
CA TYR C 30 -38.78 20.33 5.67
C TYR C 30 -39.70 20.71 6.86
N ASN C 31 -39.10 20.87 8.04
CA ASN C 31 -39.86 21.07 9.27
C ASN C 31 -40.54 22.44 9.38
N THR C 32 -40.00 23.46 8.74
CA THR C 32 -40.53 24.78 8.87
C THR C 32 -41.59 25.10 7.79
N ASN C 33 -41.89 24.16 6.91
CA ASN C 33 -43.07 24.28 6.04
C ASN C 33 -44.35 24.23 6.93
N GLN C 34 -45.22 25.23 6.79
CA GLN C 34 -46.51 25.28 7.53
C GLN C 34 -47.69 24.55 6.82
N ASN C 35 -47.62 24.42 5.50
CA ASN C 35 -48.51 23.53 4.73
C ASN C 35 -48.43 22.08 5.30
N THR C 36 -49.47 21.70 6.03
CA THR C 36 -49.52 20.39 6.72
C THR C 36 -49.73 19.16 5.82
N THR C 37 -49.98 19.38 4.52
CA THR C 37 -49.89 18.29 3.56
C THR C 37 -48.44 17.96 3.23
N GLU C 38 -47.61 19.00 3.06
CA GLU C 38 -46.17 18.79 2.82
C GLU C 38 -45.42 18.37 4.08
N LYS C 39 -45.99 18.65 5.26
CA LYS C 39 -45.36 18.35 6.56
C LYS C 39 -46.36 17.74 7.54
N PRO C 40 -46.79 16.49 7.31
CA PRO C 40 -47.74 15.85 8.24
C PRO C 40 -47.08 15.14 9.45
N PHE C 41 -45.75 15.12 9.53
CA PHE C 41 -45.03 14.60 10.68
C PHE C 41 -43.79 15.47 10.90
N HIS C 42 -43.26 15.47 12.12
CA HIS C 42 -42.00 16.12 12.41
C HIS C 42 -40.87 15.17 11.97
N LEU C 43 -39.82 15.71 11.36
CA LEU C 43 -38.61 14.96 11.05
C LEU C 43 -37.49 15.26 12.04
N ASN C 44 -37.04 14.24 12.76
CA ASN C 44 -36.01 14.32 13.80
C ASN C 44 -34.79 13.54 13.31
N TYR C 45 -33.60 13.90 13.78
CA TYR C 45 -32.44 13.08 13.48
C TYR C 45 -31.52 12.96 14.68
N HIS C 46 -30.69 11.93 14.64
CA HIS C 46 -29.52 11.89 15.47
C HIS C 46 -28.27 11.61 14.63
N VAL C 47 -27.25 12.45 14.84
CA VAL C 47 -26.02 12.36 14.10
C VAL C 47 -24.92 11.65 14.90
N ASP C 48 -24.17 10.78 14.24
CA ASP C 48 -22.90 10.26 14.74
C ASP C 48 -21.82 10.56 13.71
N HIS C 49 -20.63 10.87 14.19
CA HIS C 49 -19.51 11.13 13.31
C HIS C 49 -18.62 9.91 13.39
N LEU C 50 -18.11 9.44 12.27
CA LEU C 50 -17.32 8.22 12.33
C LEU C 50 -16.02 8.14 11.55
N ASP C 51 -15.21 7.18 11.96
N ASP C 51 -15.22 7.17 11.97
CA ASP C 51 -13.96 6.90 11.30
CA ASP C 51 -13.96 6.89 11.32
C ASP C 51 -14.23 5.59 10.58
C ASP C 51 -14.24 5.59 10.59
N SER C 52 -14.20 5.67 9.26
CA SER C 52 -14.44 4.53 8.40
C SER C 52 -13.41 3.40 8.43
N SER C 53 -12.14 3.76 8.58
CA SER C 53 -11.05 2.81 8.48
C SER C 53 -11.14 1.78 9.61
N ASN C 54 -12.06 2.00 10.53
CA ASN C 54 -12.21 1.13 11.66
C ASN C 54 -13.64 0.54 11.79
N SER C 55 -13.73 -0.77 11.78
CA SER C 55 -14.98 -1.49 11.91
C SER C 55 -15.64 -1.19 13.23
N PHE C 56 -14.83 -1.03 14.28
CA PHE C 56 -15.35 -0.68 15.59
C PHE C 56 -16.13 0.62 15.53
N SER C 57 -15.58 1.66 14.94
CA SER C 57 -16.28 2.97 14.87
C SER C 57 -17.54 2.86 14.02
N VAL C 58 -17.43 2.17 12.90
CA VAL C 58 -18.57 1.99 12.00
C VAL C 58 -19.72 1.22 12.67
N THR C 59 -19.39 0.08 13.25
CA THR C 59 -20.38 -0.77 13.88
C THR C 59 -21.00 -0.06 15.11
N ASN C 60 -20.18 0.58 15.91
CA ASN C 60 -20.66 1.39 17.03
C ASN C 60 -21.66 2.47 16.62
N ALA C 61 -21.35 3.21 15.56
CA ALA C 61 -22.26 4.25 15.10
C ALA C 61 -23.54 3.68 14.56
N PHE C 62 -23.46 2.62 13.77
CA PHE C 62 -24.67 2.00 13.28
C PHE C 62 -25.53 1.49 14.45
N CYS C 63 -24.90 0.80 15.39
CA CYS C 63 -25.60 0.23 16.55
C CYS C 63 -26.23 1.28 17.47
N SER C 64 -25.55 2.40 17.65
CA SER C 64 -26.10 3.54 18.38
C SER C 64 -27.42 4.02 17.73
N GLN C 65 -27.48 4.07 16.39
CA GLN C 65 -28.68 4.52 15.71
C GLN C 65 -29.76 3.47 15.77
N PHE C 66 -29.35 2.21 15.61
CA PHE C 66 -30.30 1.13 15.63
C PHE C 66 -31.03 1.05 16.98
N SER C 67 -30.29 1.16 18.07
CA SER C 67 -30.89 1.09 19.40
C SER C 67 -31.76 2.28 19.72
N ARG C 68 -31.36 3.45 19.23
CA ARG C 68 -32.18 4.64 19.35
C ARG C 68 -33.55 4.51 18.67
N GLY C 69 -33.67 3.65 17.67
CA GLY C 69 -34.89 3.51 16.88
C GLY C 69 -34.86 4.62 15.82
N VAL C 70 -34.53 4.23 14.60
CA VAL C 70 -34.58 5.11 13.47
C VAL C 70 -35.37 4.38 12.41
N TYR C 71 -36.04 5.14 11.57
CA TYR C 71 -36.78 4.58 10.46
C TYR C 71 -35.98 4.45 9.17
N ALA C 72 -34.82 5.11 9.12
CA ALA C 72 -33.89 5.07 7.99
C ALA C 72 -32.58 5.72 8.45
N ILE C 73 -31.50 5.48 7.74
CA ILE C 73 -30.22 6.12 8.04
C ILE C 73 -29.71 6.80 6.80
N PHE C 74 -29.44 8.10 6.93
CA PHE C 74 -28.71 8.85 5.93
C PHE C 74 -27.22 8.79 6.26
N GLY C 75 -26.38 8.67 5.28
CA GLY C 75 -24.96 8.64 5.56
C GLY C 75 -24.05 8.37 4.40
N PHE C 76 -22.78 8.21 4.76
CA PHE C 76 -21.70 8.13 3.83
C PHE C 76 -20.85 6.90 4.07
N TYR C 77 -20.25 6.36 3.02
CA TYR C 77 -19.28 5.27 3.14
C TYR C 77 -18.11 5.57 2.21
N ASP C 78 -17.01 4.88 2.47
CA ASP C 78 -15.91 4.79 1.50
C ASP C 78 -15.63 3.30 1.20
N GLN C 79 -14.57 3.03 0.45
CA GLN C 79 -14.22 1.62 0.12
C GLN C 79 -14.06 0.73 1.33
N MET C 80 -13.54 1.26 2.42
CA MET C 80 -13.32 0.49 3.64
CA MET C 80 -13.31 0.47 3.64
C MET C 80 -14.60 0.19 4.39
N SER C 81 -15.56 1.12 4.41
CA SER C 81 -16.74 0.97 5.23
C SER C 81 -17.97 0.51 4.46
N MET C 82 -17.96 0.56 3.13
CA MET C 82 -19.18 0.35 2.33
CA MET C 82 -19.18 0.36 2.34
C MET C 82 -19.89 -0.95 2.67
N ASN C 83 -19.18 -2.07 2.59
CA ASN C 83 -19.79 -3.36 2.84
C ASN C 83 -20.20 -3.48 4.27
N THR C 84 -19.39 -3.00 5.21
CA THR C 84 -19.75 -3.07 6.62
C THR C 84 -21.08 -2.40 6.90
N LEU C 85 -21.22 -1.18 6.39
CA LEU C 85 -22.36 -0.39 6.72
C LEU C 85 -23.62 -0.89 6.00
N THR C 86 -23.48 -1.13 4.72
CA THR C 86 -24.65 -1.50 3.93
C THR C 86 -25.12 -2.91 4.28
N SER C 87 -24.19 -3.80 4.68
CA SER C 87 -24.57 -5.16 5.06
CA SER C 87 -24.57 -5.13 5.06
C SER C 87 -25.25 -5.14 6.40
N PHE C 88 -24.80 -4.32 7.36
CA PHE C 88 -25.57 -4.11 8.58
C PHE C 88 -26.99 -3.65 8.35
N CYS C 89 -27.13 -2.62 7.54
CA CYS C 89 -28.47 -2.07 7.15
C CYS C 89 -29.34 -3.17 6.56
N GLY C 90 -28.81 -3.91 5.59
CA GLY C 90 -29.48 -5.01 4.96
C GLY C 90 -29.91 -6.13 5.89
N ALA C 91 -29.05 -6.50 6.84
CA ALA C 91 -29.35 -7.58 7.80
C ALA C 91 -30.47 -7.20 8.72
N LEU C 92 -30.54 -5.92 9.10
CA LEU C 92 -31.58 -5.44 9.98
C LEU C 92 -32.72 -4.74 9.25
N HIS C 93 -32.75 -4.76 7.92
CA HIS C 93 -33.85 -4.14 7.14
C HIS C 93 -34.09 -2.65 7.43
N THR C 94 -33.02 -1.91 7.60
CA THR C 94 -33.03 -0.50 7.79
C THR C 94 -32.45 0.07 6.51
N SER C 95 -33.14 1.00 5.91
CA SER C 95 -32.67 1.55 4.65
C SER C 95 -31.60 2.62 4.85
N PHE C 96 -30.57 2.54 4.03
CA PHE C 96 -29.45 3.44 4.05
C PHE C 96 -29.56 4.36 2.82
N VAL C 97 -29.63 5.65 3.03
CA VAL C 97 -29.75 6.58 1.94
C VAL C 97 -28.45 7.38 1.89
N THR C 98 -27.79 7.37 0.73
CA THR C 98 -26.43 7.88 0.67
C THR C 98 -26.10 8.67 -0.59
N PRO C 99 -25.26 9.72 -0.46
CA PRO C 99 -24.67 10.35 -1.64
C PRO C 99 -23.37 9.75 -2.10
N SER C 100 -22.93 8.69 -1.45
CA SER C 100 -21.59 8.14 -1.74
C SER C 100 -21.60 7.41 -3.09
N PHE C 101 -20.42 6.98 -3.57
CA PHE C 101 -20.34 6.29 -4.83
C PHE C 101 -21.33 5.10 -4.92
N PRO C 102 -22.04 4.98 -6.06
CA PRO C 102 -22.90 3.81 -6.19
C PRO C 102 -22.06 2.56 -6.51
N THR C 103 -22.66 1.40 -6.30
CA THR C 103 -22.07 0.11 -6.78
C THR C 103 -22.75 -0.47 -8.00
N ASP C 104 -21.99 -1.28 -8.74
CA ASP C 104 -22.56 -2.20 -9.75
C ASP C 104 -23.41 -3.26 -9.05
N ALA C 105 -22.98 -3.79 -7.90
CA ALA C 105 -23.64 -4.89 -7.18
C ALA C 105 -25.15 -4.77 -6.95
N ASP C 106 -25.82 -5.91 -6.99
CA ASP C 106 -27.24 -6.04 -6.67
C ASP C 106 -27.33 -6.06 -5.17
N VAL C 107 -27.68 -4.94 -4.58
CA VAL C 107 -27.74 -4.80 -3.13
C VAL C 107 -29.17 -4.34 -2.74
N GLN C 108 -29.63 -4.79 -1.59
CA GLN C 108 -30.89 -4.34 -1.02
C GLN C 108 -30.65 -3.30 0.09
N PHE C 109 -31.69 -2.57 0.43
CA PHE C 109 -31.70 -1.63 1.55
C PHE C 109 -30.73 -0.43 1.44
N VAL C 110 -30.33 -0.10 0.23
CA VAL C 110 -29.45 1.02 -0.06
C VAL C 110 -30.04 1.86 -1.17
N ILE C 111 -30.36 3.09 -0.82
CA ILE C 111 -30.83 4.06 -1.79
C ILE C 111 -29.64 4.92 -2.20
N GLN C 112 -29.23 4.75 -3.45
CA GLN C 112 -27.97 5.36 -3.93
C GLN C 112 -28.30 6.64 -4.71
N MET C 113 -28.23 7.77 -4.01
CA MET C 113 -28.58 9.05 -4.58
C MET C 113 -27.73 9.49 -5.75
N ARG C 114 -26.48 9.07 -5.83
CA ARG C 114 -25.57 9.53 -6.87
C ARG C 114 -25.73 8.65 -8.10
N PRO C 115 -26.07 9.24 -9.27
CA PRO C 115 -26.15 8.43 -10.47
C PRO C 115 -24.79 7.88 -10.91
N ALA C 116 -24.83 6.73 -11.57
CA ALA C 116 -23.63 6.13 -12.22
C ALA C 116 -23.11 7.05 -13.34
N LEU C 117 -21.79 7.08 -13.46
CA LEU C 117 -21.11 7.89 -14.42
C LEU C 117 -20.61 7.15 -15.67
N LYS C 118 -20.55 5.83 -15.61
CA LYS C 118 -19.82 5.08 -16.65
C LYS C 118 -20.43 5.26 -18.05
N GLY C 119 -21.76 5.26 -18.12
CA GLY C 119 -22.44 5.43 -19.40
C GLY C 119 -22.04 6.73 -20.09
N ALA C 120 -22.04 7.83 -19.35
CA ALA C 120 -21.72 9.13 -19.89
C ALA C 120 -20.26 9.20 -20.36
N ILE C 121 -19.37 8.66 -19.56
CA ILE C 121 -17.95 8.59 -19.95
C ILE C 121 -17.74 7.81 -21.25
N LEU C 122 -18.30 6.62 -21.32
CA LEU C 122 -18.14 5.83 -22.53
C LEU C 122 -18.76 6.52 -23.76
N SER C 123 -19.90 7.19 -23.60
CA SER C 123 -20.51 7.90 -24.73
C SER C 123 -19.61 9.03 -25.20
N LEU C 124 -18.97 9.75 -24.27
CA LEU C 124 -18.14 10.88 -24.70
C LEU C 124 -16.83 10.38 -25.32
N LEU C 125 -16.25 9.30 -24.79
CA LEU C 125 -15.08 8.72 -25.44
C LEU C 125 -15.39 8.36 -26.92
N SER C 126 -16.57 7.79 -27.16
CA SER C 126 -17.01 7.49 -28.51
C SER C 126 -17.26 8.72 -29.35
N TYR C 127 -17.95 9.69 -28.77
CA TYR C 127 -18.28 10.94 -29.46
C TYR C 127 -17.02 11.67 -29.94
N TYR C 128 -16.00 11.77 -29.07
CA TYR C 128 -14.74 12.41 -29.47
C TYR C 128 -13.84 11.52 -30.37
N LYS C 129 -14.22 10.25 -30.55
CA LYS C 129 -13.44 9.32 -31.37
C LYS C 129 -12.04 9.10 -30.84
N TRP C 130 -11.90 9.07 -29.53
CA TRP C 130 -10.63 8.74 -28.91
C TRP C 130 -10.28 7.29 -29.28
N GLU C 131 -9.01 7.07 -29.61
CA GLU C 131 -8.45 5.76 -29.81
C GLU C 131 -7.34 5.51 -28.83
N LYS C 132 -6.22 6.19 -28.98
CA LYS C 132 -5.16 6.14 -28.00
C LYS C 132 -5.52 7.14 -26.91
N PHE C 133 -5.52 6.68 -25.65
CA PHE C 133 -5.62 7.60 -24.52
C PHE C 133 -5.08 7.02 -23.22
N VAL C 134 -4.78 7.95 -22.30
CA VAL C 134 -4.30 7.65 -20.99
C VAL C 134 -5.50 7.60 -20.05
N TYR C 135 -5.54 6.57 -19.19
CA TYR C 135 -6.54 6.41 -18.18
C TYR C 135 -5.86 6.45 -16.83
N LEU C 136 -5.93 7.62 -16.14
CA LEU C 136 -5.40 7.72 -14.77
C LEU C 136 -6.58 7.51 -13.80
N TYR C 137 -6.46 6.58 -12.86
CA TYR C 137 -7.56 6.31 -11.96
C TYR C 137 -7.16 5.98 -10.58
N ASP C 138 -8.08 6.25 -9.63
CA ASP C 138 -8.02 5.69 -8.32
C ASP C 138 -9.26 4.80 -8.12
N THR C 139 -9.28 4.04 -7.04
CA THR C 139 -10.36 3.06 -6.83
C THR C 139 -11.30 3.52 -5.72
N GLU C 140 -11.27 4.81 -5.34
CA GLU C 140 -12.09 5.26 -4.22
C GLU C 140 -13.60 5.30 -4.53
N ARG C 141 -13.98 5.25 -5.82
CA ARG C 141 -15.39 5.15 -6.18
C ARG C 141 -15.72 3.79 -6.78
N GLY C 142 -14.94 2.77 -6.44
CA GLY C 142 -15.09 1.44 -7.05
C GLY C 142 -14.51 1.25 -8.45
N PHE C 143 -14.88 0.12 -9.06
CA PHE C 143 -14.26 -0.32 -10.32
C PHE C 143 -15.18 -0.26 -11.54
N SER C 144 -16.34 0.31 -11.37
CA SER C 144 -17.38 0.33 -12.41
C SER C 144 -16.91 0.96 -13.74
N VAL C 145 -16.28 2.12 -13.67
CA VAL C 145 -15.75 2.76 -14.87
C VAL C 145 -14.66 1.93 -15.52
N LEU C 146 -13.71 1.46 -14.69
CA LEU C 146 -12.58 0.68 -15.22
C LEU C 146 -13.11 -0.54 -15.95
N GLN C 147 -14.05 -1.26 -15.33
CA GLN C 147 -14.56 -2.47 -15.94
C GLN C 147 -15.31 -2.19 -17.25
N ALA C 148 -16.08 -1.12 -17.27
CA ALA C 148 -16.83 -0.78 -18.48
C ALA C 148 -15.86 -0.44 -19.63
N ILE C 149 -14.77 0.29 -19.32
CA ILE C 149 -13.78 0.57 -20.34
C ILE C 149 -13.14 -0.73 -20.87
N MET C 150 -12.76 -1.63 -19.96
CA MET C 150 -12.15 -2.88 -20.37
CA MET C 150 -12.19 -2.93 -20.32
C MET C 150 -13.10 -3.74 -21.24
N GLU C 151 -14.39 -3.78 -20.89
CA GLU C 151 -15.36 -4.54 -21.69
C GLU C 151 -15.47 -4.02 -23.17
N ALA C 152 -15.41 -2.70 -23.34
CA ALA C 152 -15.67 -2.03 -24.61
C ALA C 152 -14.40 -1.73 -25.45
N ALA C 153 -13.22 -1.82 -24.85
CA ALA C 153 -12.03 -1.20 -25.50
C ALA C 153 -11.72 -1.75 -26.91
N VAL C 154 -11.63 -3.08 -27.00
CA VAL C 154 -11.28 -3.68 -28.28
C VAL C 154 -12.36 -3.36 -29.34
N GLN C 155 -13.62 -3.56 -29.01
CA GLN C 155 -14.71 -3.25 -29.95
C GLN C 155 -14.75 -1.78 -30.36
N ASN C 156 -14.26 -0.83 -29.53
CA ASN C 156 -14.24 0.57 -29.95
C ASN C 156 -12.89 1.07 -30.49
N ASN C 157 -11.97 0.14 -30.63
CA ASN C 157 -10.58 0.43 -30.88
C ASN C 157 -9.92 1.41 -29.93
N TRP C 158 -10.18 1.29 -28.64
CA TRP C 158 -9.53 2.14 -27.63
C TRP C 158 -8.23 1.42 -27.24
N GLN C 159 -7.13 2.15 -27.29
CA GLN C 159 -5.83 1.66 -26.84
C GLN C 159 -5.52 2.45 -25.58
N VAL C 160 -5.81 1.83 -24.45
CA VAL C 160 -5.86 2.51 -23.16
C VAL C 160 -4.62 2.22 -22.36
N THR C 161 -3.82 3.25 -22.10
CA THR C 161 -2.70 3.12 -21.20
C THR C 161 -3.21 3.49 -19.81
N ALA C 162 -3.40 2.47 -18.96
CA ALA C 162 -4.03 2.64 -17.69
C ALA C 162 -2.96 2.72 -16.62
N ARG C 163 -3.14 3.69 -15.71
CA ARG C 163 -2.23 3.84 -14.59
C ARG C 163 -3.03 4.08 -13.34
N SER C 164 -2.89 3.17 -12.40
CA SER C 164 -3.50 3.29 -11.10
C SER C 164 -2.68 4.27 -10.26
N VAL C 165 -3.29 5.34 -9.80
CA VAL C 165 -2.54 6.41 -9.12
C VAL C 165 -3.04 6.70 -7.72
N GLY C 166 -4.01 5.95 -7.22
CA GLY C 166 -4.59 6.27 -5.91
C GLY C 166 -3.67 6.11 -4.69
N ASN C 167 -2.57 5.40 -4.83
CA ASN C 167 -1.58 5.26 -3.76
C ASN C 167 -0.38 6.19 -3.84
N ILE C 168 -0.34 7.08 -4.82
CA ILE C 168 0.80 7.97 -4.99
C ILE C 168 0.79 9.03 -3.88
N LYS C 169 1.90 9.11 -3.17
CA LYS C 169 2.13 10.11 -2.10
C LYS C 169 3.09 11.19 -2.58
N ASP C 170 4.11 10.80 -3.34
CA ASP C 170 5.15 11.71 -3.85
C ASP C 170 4.68 12.27 -5.19
N VAL C 171 4.47 13.59 -5.26
CA VAL C 171 4.00 14.18 -6.50
C VAL C 171 4.90 14.00 -7.71
N GLN C 172 6.18 13.77 -7.49
CA GLN C 172 7.12 13.46 -8.57
C GLN C 172 6.70 12.22 -9.33
N GLU C 173 6.05 11.26 -8.69
CA GLU C 173 5.54 10.07 -9.41
C GLU C 173 4.48 10.46 -10.45
N PHE C 174 3.64 11.45 -10.14
CA PHE C 174 2.69 11.93 -11.13
C PHE C 174 3.41 12.57 -12.29
N ARG C 175 4.45 13.32 -11.97
CA ARG C 175 5.24 13.99 -12.96
C ARG C 175 5.91 12.98 -13.88
N ARG C 176 6.44 11.90 -13.33
CA ARG C 176 7.09 10.90 -14.20
C ARG C 176 6.11 10.18 -15.10
N ILE C 177 4.89 9.92 -14.63
CA ILE C 177 3.88 9.30 -15.48
C ILE C 177 3.55 10.23 -16.64
N ILE C 178 3.30 11.50 -16.34
CA ILE C 178 2.93 12.45 -17.40
C ILE C 178 4.08 12.55 -18.43
N GLU C 179 5.32 12.58 -17.96
CA GLU C 179 6.50 12.66 -18.82
C GLU C 179 6.58 11.43 -19.71
N GLU C 180 6.37 10.27 -19.11
CA GLU C 180 6.34 9.00 -19.86
C GLU C 180 5.26 9.02 -20.93
N MET C 181 4.05 9.47 -20.57
CA MET C 181 2.96 9.49 -21.53
C MET C 181 3.25 10.46 -22.70
N ASP C 182 3.93 11.58 -22.39
CA ASP C 182 4.35 12.51 -23.46
C ASP C 182 5.33 11.92 -24.41
N ARG C 183 6.28 11.15 -23.91
CA ARG C 183 7.22 10.48 -24.82
C ARG C 183 6.53 9.48 -25.73
N ARG C 184 5.33 8.98 -25.34
CA ARG C 184 4.52 8.14 -26.23
C ARG C 184 3.49 8.90 -27.04
N GLN C 185 3.64 10.22 -27.11
CA GLN C 185 2.80 11.06 -27.93
C GLN C 185 1.33 11.05 -27.51
N GLU C 186 1.03 10.77 -26.23
CA GLU C 186 -0.33 10.82 -25.69
C GLU C 186 -0.78 12.27 -25.52
N LYS C 187 -1.96 12.59 -26.04
CA LYS C 187 -2.56 13.91 -25.90
C LYS C 187 -3.85 13.96 -25.10
N ARG C 188 -4.45 12.78 -24.90
CA ARG C 188 -5.78 12.68 -24.40
C ARG C 188 -5.74 11.85 -23.12
N TYR C 189 -6.28 12.46 -22.06
CA TYR C 189 -6.28 11.86 -20.72
C TYR C 189 -7.70 11.78 -20.15
N LEU C 190 -8.08 10.60 -19.70
CA LEU C 190 -9.30 10.37 -18.91
C LEU C 190 -8.83 10.22 -17.46
N ILE C 191 -9.31 11.10 -16.57
CA ILE C 191 -8.89 11.12 -15.17
C ILE C 191 -10.08 10.77 -14.32
N ASP C 192 -10.03 9.54 -13.76
CA ASP C 192 -11.11 8.96 -12.91
C ASP C 192 -10.58 8.85 -11.49
N CYS C 193 -10.55 10.01 -10.82
CA CYS C 193 -10.00 10.16 -9.49
C CYS C 193 -10.92 11.05 -8.64
N GLU C 194 -10.69 11.01 -7.34
CA GLU C 194 -11.27 11.93 -6.40
C GLU C 194 -10.82 13.36 -6.75
N VAL C 195 -11.69 14.33 -6.49
CA VAL C 195 -11.41 15.75 -6.79
C VAL C 195 -10.04 16.21 -6.28
N GLU C 196 -9.69 15.89 -5.05
CA GLU C 196 -8.41 16.36 -4.49
C GLU C 196 -7.24 15.83 -5.35
N ARG C 197 -7.36 14.57 -5.77
N ARG C 197 -7.35 14.57 -5.77
CA ARG C 197 -6.34 13.92 -6.59
CA ARG C 197 -6.32 13.93 -6.59
C ARG C 197 -6.31 14.55 -7.98
C ARG C 197 -6.30 14.55 -7.99
N ILE C 198 -7.48 14.75 -8.56
CA ILE C 198 -7.56 15.45 -9.85
C ILE C 198 -6.82 16.81 -9.76
N ASN C 199 -7.05 17.56 -8.69
CA ASN C 199 -6.40 18.87 -8.54
C ASN C 199 -4.89 18.74 -8.50
N THR C 200 -4.38 17.72 -7.81
CA THR C 200 -2.96 17.47 -7.76
C THR C 200 -2.44 17.17 -9.17
N ILE C 201 -3.13 16.26 -9.89
CA ILE C 201 -2.70 15.88 -11.22
C ILE C 201 -2.69 17.11 -12.17
N LEU C 202 -3.75 17.89 -12.19
CA LEU C 202 -3.82 19.06 -13.05
C LEU C 202 -2.76 20.14 -12.71
N GLU C 203 -2.39 20.26 -11.44
CA GLU C 203 -1.27 21.15 -11.11
C GLU C 203 0.04 20.67 -11.74
N GLN C 204 0.25 19.35 -11.75
CA GLN C 204 1.43 18.79 -12.40
C GLN C 204 1.38 18.98 -13.90
N VAL C 205 0.19 18.85 -14.49
CA VAL C 205 0.00 19.18 -15.91
C VAL C 205 0.48 20.62 -16.24
N VAL C 206 0.09 21.59 -15.41
CA VAL C 206 0.47 22.98 -15.61
C VAL C 206 1.97 23.20 -15.38
N ILE C 207 2.54 22.58 -14.37
CA ILE C 207 3.97 22.67 -14.08
C ILE C 207 4.80 22.12 -15.22
N LEU C 208 4.38 21.01 -15.77
CA LEU C 208 5.08 20.46 -16.91
C LEU C 208 4.74 21.10 -18.23
N GLY C 209 3.91 22.10 -18.28
CA GLY C 209 3.45 22.70 -19.57
C GLY C 209 2.62 21.82 -20.53
N LYS C 210 1.89 20.82 -20.01
CA LYS C 210 0.98 20.01 -20.79
C LYS C 210 -0.44 20.58 -20.83
N HIS C 211 -0.59 21.87 -20.62
CA HIS C 211 -1.91 22.51 -20.56
C HIS C 211 -2.14 23.46 -21.72
N SER C 212 -1.47 23.20 -22.83
CA SER C 212 -1.56 23.92 -24.07
C SER C 212 -2.54 23.21 -25.07
N ARG C 213 -2.76 23.93 -26.16
CA ARG C 213 -3.61 23.47 -27.24
C ARG C 213 -3.01 22.17 -27.75
N GLY C 214 -3.87 21.23 -28.01
CA GLY C 214 -3.39 19.91 -28.45
C GLY C 214 -3.49 18.89 -27.33
N TYR C 215 -3.75 19.30 -26.07
CA TYR C 215 -4.06 18.33 -25.00
C TYR C 215 -5.55 18.40 -24.63
N HIS C 216 -6.10 17.28 -24.18
CA HIS C 216 -7.51 17.19 -23.81
C HIS C 216 -7.63 16.33 -22.54
N TYR C 217 -8.19 16.92 -21.48
CA TYR C 217 -8.40 16.26 -20.18
C TYR C 217 -9.91 16.02 -19.97
N MET C 218 -10.31 14.75 -19.91
CA MET C 218 -11.70 14.41 -19.58
C MET C 218 -11.75 14.05 -18.13
N LEU C 219 -12.48 14.82 -17.35
CA LEU C 219 -12.48 14.66 -15.89
C LEU C 219 -13.72 13.88 -15.45
N ALA C 220 -13.49 12.63 -15.11
CA ALA C 220 -14.60 11.71 -14.76
C ALA C 220 -14.97 11.80 -13.29
N ASN C 221 -15.68 12.86 -12.93
CA ASN C 221 -16.06 13.07 -11.51
C ASN C 221 -17.15 14.10 -11.55
N LEU C 222 -18.28 13.80 -10.90
CA LEU C 222 -19.41 14.73 -10.86
C LEU C 222 -19.11 16.00 -10.00
N GLY C 223 -17.95 16.01 -9.32
CA GLY C 223 -17.50 17.17 -8.54
C GLY C 223 -16.78 18.25 -9.31
N PHE C 224 -17.14 18.37 -10.59
CA PHE C 224 -16.56 19.32 -11.54
C PHE C 224 -16.35 20.71 -10.97
N THR C 225 -17.37 21.24 -10.27
CA THR C 225 -17.26 22.63 -9.79
C THR C 225 -16.24 22.82 -8.66
N ASP C 226 -15.75 21.74 -8.09
CA ASP C 226 -14.71 21.81 -7.05
C ASP C 226 -13.32 21.57 -7.59
N ILE C 227 -13.23 21.28 -8.86
CA ILE C 227 -11.95 21.04 -9.50
C ILE C 227 -11.32 22.41 -9.82
N LEU C 228 -10.04 22.54 -9.53
CA LEU C 228 -9.26 23.75 -9.82
C LEU C 228 -8.67 23.54 -11.22
N LEU C 229 -9.41 24.00 -12.22
CA LEU C 229 -9.03 23.78 -13.59
C LEU C 229 -8.81 25.10 -14.35
N GLU C 230 -8.92 26.25 -13.66
CA GLU C 230 -8.70 27.54 -14.29
C GLU C 230 -7.33 27.66 -14.95
N ARG C 231 -6.28 27.21 -14.27
CA ARG C 231 -4.94 27.35 -14.79
C ARG C 231 -4.75 26.50 -16.05
N VAL C 232 -5.36 25.32 -16.09
CA VAL C 232 -5.32 24.46 -17.26
C VAL C 232 -6.06 25.09 -18.43
N MET C 233 -7.23 25.64 -18.17
CA MET C 233 -8.06 26.29 -19.20
C MET C 233 -7.36 27.49 -19.82
N HIS C 234 -6.66 28.28 -18.99
CA HIS C 234 -5.91 29.44 -19.50
C HIS C 234 -4.73 29.11 -20.41
N GLY C 235 -4.22 27.87 -20.36
CA GLY C 235 -3.16 27.42 -21.26
C GLY C 235 -3.64 26.94 -22.63
N GLY C 236 -4.94 26.70 -22.78
CA GLY C 236 -5.52 26.36 -24.09
C GLY C 236 -5.92 24.91 -24.31
N ALA C 237 -5.58 24.00 -23.40
CA ALA C 237 -5.98 22.58 -23.53
C ALA C 237 -7.52 22.51 -23.40
N ASN C 238 -8.11 21.50 -24.04
CA ASN C 238 -9.49 21.19 -23.89
C ASN C 238 -9.75 20.48 -22.56
N ILE C 239 -10.89 20.78 -21.95
CA ILE C 239 -11.34 20.07 -20.78
C ILE C 239 -12.81 19.67 -20.96
N THR C 240 -13.12 18.44 -20.61
CA THR C 240 -14.49 17.98 -20.60
C THR C 240 -14.87 17.55 -19.19
N GLY C 241 -16.06 17.94 -18.77
CA GLY C 241 -16.54 17.61 -17.42
C GLY C 241 -18.00 17.22 -17.40
N PHE C 242 -18.45 16.77 -16.22
CA PHE C 242 -19.82 16.26 -16.04
C PHE C 242 -20.41 16.83 -14.76
N GLN C 243 -21.70 17.22 -14.83
CA GLN C 243 -22.43 17.66 -13.65
C GLN C 243 -23.87 17.16 -13.64
N ILE C 244 -24.43 17.06 -12.43
CA ILE C 244 -25.81 16.72 -12.21
C ILE C 244 -26.60 17.83 -11.52
N VAL C 245 -25.98 19.00 -11.31
CA VAL C 245 -26.65 20.16 -10.74
C VAL C 245 -26.69 21.26 -11.81
N ASN C 246 -27.88 21.72 -12.10
CA ASN C 246 -28.11 22.69 -13.16
C ASN C 246 -28.42 24.03 -12.50
N ASN C 247 -27.55 25.01 -12.69
CA ASN C 247 -27.73 26.36 -12.13
C ASN C 247 -29.01 27.07 -12.58
N GLU C 248 -29.61 26.66 -13.69
CA GLU C 248 -30.88 27.26 -14.14
C GLU C 248 -32.14 26.62 -13.53
N ASN C 249 -31.98 25.47 -12.89
CA ASN C 249 -33.03 24.89 -12.07
C ASN C 249 -33.45 25.80 -10.88
N PRO C 250 -34.76 26.18 -10.86
CA PRO C 250 -35.19 27.09 -9.77
C PRO C 250 -35.03 26.51 -8.35
N MET C 251 -35.18 25.20 -8.18
CA MET C 251 -34.91 24.60 -6.89
C MET C 251 -33.45 24.83 -6.45
N VAL C 252 -32.51 24.71 -7.37
CA VAL C 252 -31.11 24.98 -7.06
C VAL C 252 -30.95 26.49 -6.70
N GLN C 253 -31.51 27.37 -7.55
CA GLN C 253 -31.44 28.80 -7.30
C GLN C 253 -32.03 29.20 -5.93
N GLN C 254 -33.19 28.66 -5.58
CA GLN C 254 -33.85 29.05 -4.33
C GLN C 254 -33.11 28.45 -3.11
N PHE C 255 -32.56 27.24 -3.25
CA PHE C 255 -31.72 26.72 -2.19
C PHE C 255 -30.48 27.58 -2.00
N ILE C 256 -29.75 27.88 -3.08
CA ILE C 256 -28.49 28.61 -3.01
CA ILE C 256 -28.48 28.60 -2.97
C ILE C 256 -28.71 29.99 -2.35
N GLN C 257 -29.79 30.69 -2.76
CA GLN C 257 -30.07 32.04 -2.22
C GLN C 257 -30.22 32.06 -0.69
N ARG C 258 -30.87 31.07 -0.14
CA ARG C 258 -30.99 30.94 1.32
C ARG C 258 -29.69 30.40 1.92
N TRP C 259 -29.14 29.37 1.29
CA TRP C 259 -27.95 28.70 1.79
C TRP C 259 -26.75 29.63 2.01
N VAL C 260 -26.44 30.46 1.02
CA VAL C 260 -25.30 31.35 1.15
C VAL C 260 -25.50 32.46 2.19
N ARG C 261 -26.71 32.64 2.70
CA ARG C 261 -27.03 33.61 3.74
C ARG C 261 -27.08 33.03 5.15
N LEU C 262 -26.80 31.73 5.29
CA LEU C 262 -26.83 31.10 6.62
C LEU C 262 -25.68 31.58 7.51
N ASP C 263 -25.87 31.52 8.82
CA ASP C 263 -24.81 31.82 9.82
C ASP C 263 -23.68 30.77 9.69
N GLU C 264 -22.45 31.22 9.48
CA GLU C 264 -21.28 30.31 9.36
C GLU C 264 -21.00 29.49 10.60
N ARG C 265 -21.38 29.99 11.77
CA ARG C 265 -21.21 29.23 13.01
C ARG C 265 -22.16 28.05 13.11
N GLU C 266 -23.43 28.22 12.75
CA GLU C 266 -24.37 27.08 12.81
C GLU C 266 -24.31 26.19 11.54
N PHE C 267 -23.88 26.77 10.42
CA PHE C 267 -23.82 26.05 9.14
C PHE C 267 -22.47 26.27 8.48
N PRO C 268 -21.43 25.67 9.05
CA PRO C 268 -20.09 25.84 8.42
C PRO C 268 -20.06 25.38 6.96
N GLU C 269 -19.29 26.13 6.16
CA GLU C 269 -19.07 25.88 4.76
C GLU C 269 -20.25 26.21 3.83
N ALA C 270 -21.30 26.82 4.35
CA ALA C 270 -22.36 27.31 3.48
C ALA C 270 -21.94 28.61 2.77
N LYS C 271 -21.22 29.50 3.46
CA LYS C 271 -21.09 30.90 2.96
C LYS C 271 -19.85 31.14 2.12
N ASN C 272 -18.74 30.50 2.49
CA ASN C 272 -17.47 30.73 1.78
C ASN C 272 -17.30 29.67 0.63
N ALA C 273 -17.59 28.39 0.97
CA ALA C 273 -17.13 27.32 0.07
C ALA C 273 -18.17 27.07 -0.97
N PRO C 274 -17.75 26.74 -2.19
CA PRO C 274 -18.82 26.45 -3.18
C PRO C 274 -19.59 25.19 -2.83
N LEU C 275 -20.79 25.10 -3.32
CA LEU C 275 -21.71 24.03 -2.92
C LEU C 275 -21.21 22.78 -3.63
N LYS C 276 -20.87 21.76 -2.86
CA LYS C 276 -20.49 20.47 -3.41
C LYS C 276 -21.73 19.75 -3.93
N TYR C 277 -21.59 19.02 -5.01
CA TYR C 277 -22.73 18.29 -5.57
C TYR C 277 -23.26 17.24 -4.56
N THR C 278 -22.41 16.78 -3.68
CA THR C 278 -22.78 15.84 -2.62
C THR C 278 -23.63 16.50 -1.56
N SER C 279 -23.52 17.83 -1.44
CA SER C 279 -24.39 18.58 -0.54
C SER C 279 -25.76 18.75 -1.19
N ALA C 280 -25.80 18.98 -2.50
CA ALA C 280 -27.05 18.94 -3.25
C ALA C 280 -27.75 17.59 -3.13
N LEU C 281 -26.97 16.51 -3.23
CA LEU C 281 -27.51 15.17 -3.10
C LEU C 281 -28.00 14.91 -1.67
N THR C 282 -27.35 15.54 -0.68
CA THR C 282 -27.79 15.45 0.69
C THR C 282 -29.17 16.11 0.88
N HIS C 283 -29.34 17.32 0.34
CA HIS C 283 -30.67 17.96 0.29
C HIS C 283 -31.69 17.01 -0.39
N ASP C 284 -31.32 16.43 -1.53
CA ASP C 284 -32.21 15.59 -2.28
C ASP C 284 -32.55 14.31 -1.51
N ALA C 285 -31.61 13.81 -0.72
CA ALA C 285 -31.91 12.70 0.15
C ALA C 285 -33.07 13.00 1.13
N ILE C 286 -33.09 14.18 1.72
CA ILE C 286 -34.15 14.56 2.61
C ILE C 286 -35.47 14.68 1.81
N LEU C 287 -35.44 15.18 0.57
CA LEU C 287 -36.64 15.19 -0.26
C LEU C 287 -37.20 13.76 -0.46
N VAL C 288 -36.31 12.82 -0.76
CA VAL C 288 -36.71 11.43 -1.00
C VAL C 288 -37.28 10.77 0.26
N ILE C 289 -36.60 10.97 1.38
CA ILE C 289 -37.09 10.46 2.65
C ILE C 289 -38.46 11.05 3.01
N ALA C 290 -38.61 12.37 2.89
CA ALA C 290 -39.90 12.99 3.17
C ALA C 290 -41.02 12.47 2.27
N GLU C 291 -40.74 12.33 0.98
CA GLU C 291 -41.74 11.82 0.04
C GLU C 291 -42.16 10.39 0.36
N ALA C 292 -41.19 9.55 0.72
CA ALA C 292 -41.46 8.16 0.99
C ALA C 292 -42.35 8.07 2.21
N PHE C 293 -42.03 8.83 3.24
CA PHE C 293 -42.82 8.76 4.47
C PHE C 293 -44.21 9.43 4.33
N ARG C 294 -44.33 10.39 3.43
CA ARG C 294 -45.62 10.99 3.16
C ARG C 294 -46.49 9.94 2.43
N TYR C 295 -45.86 9.18 1.55
CA TYR C 295 -46.52 8.15 0.77
C TYR C 295 -47.04 7.11 1.71
N LEU C 296 -46.19 6.66 2.67
CA LEU C 296 -46.57 5.63 3.60
C LEU C 296 -47.77 6.05 4.44
N ARG C 297 -47.73 7.30 4.88
CA ARG C 297 -48.82 7.83 5.67
C ARG C 297 -50.16 7.88 4.86
N ARG C 298 -50.13 8.42 3.64
CA ARG C 298 -51.33 8.44 2.78
C ARG C 298 -51.90 7.04 2.52
N GLN C 299 -51.04 6.03 2.40
CA GLN C 299 -51.48 4.66 2.14
C GLN C 299 -51.86 3.94 3.42
N ARG C 300 -51.80 4.61 4.58
CA ARG C 300 -52.10 4.01 5.86
C ARG C 300 -51.24 2.79 6.14
N VAL C 301 -49.97 2.84 5.74
CA VAL C 301 -49.08 1.72 6.03
C VAL C 301 -48.69 1.83 7.50
N ASP C 302 -48.68 0.70 8.20
CA ASP C 302 -48.23 0.67 9.59
C ASP C 302 -46.70 0.75 9.60
N VAL C 303 -46.15 1.85 10.11
CA VAL C 303 -44.67 1.95 10.18
C VAL C 303 -44.06 1.65 11.56
N SER C 304 -44.90 1.35 12.57
CA SER C 304 -44.41 0.84 13.88
C SER C 304 -43.30 1.65 14.62
N ARG C 305 -42.33 0.95 15.23
CA ARG C 305 -41.08 1.51 15.80
C ARG C 305 -41.32 2.64 16.84
N ASP C 311 -31.13 -4.37 21.00
CA ASP C 311 -29.67 -4.38 21.02
C ASP C 311 -29.19 -4.97 19.70
N CYS C 312 -28.38 -4.21 19.00
CA CYS C 312 -28.07 -4.53 17.60
C CYS C 312 -27.45 -5.89 17.38
N LEU C 313 -26.66 -6.41 18.34
CA LEU C 313 -25.95 -7.69 18.15
C LEU C 313 -26.65 -8.94 18.66
N ALA C 314 -27.40 -8.79 19.73
CA ALA C 314 -28.32 -9.82 20.20
C ALA C 314 -29.73 -9.32 20.11
N TRP C 320 -37.65 -6.55 12.10
CA TRP C 320 -38.48 -5.45 11.57
C TRP C 320 -39.05 -5.54 10.08
N SER C 321 -40.21 -6.15 9.82
CA SER C 321 -40.76 -6.32 8.40
C SER C 321 -41.52 -5.07 7.84
N GLN C 322 -41.63 -4.04 8.67
CA GLN C 322 -41.93 -2.69 8.19
C GLN C 322 -40.74 -2.09 7.41
N GLY C 323 -39.55 -2.67 7.55
CA GLY C 323 -38.35 -2.31 6.75
C GLY C 323 -38.56 -2.47 5.28
N ILE C 324 -39.20 -3.56 4.89
CA ILE C 324 -39.47 -3.80 3.48
C ILE C 324 -40.37 -2.72 2.85
N ASP C 325 -41.39 -2.30 3.61
CA ASP C 325 -42.32 -1.27 3.12
C ASP C 325 -41.62 0.08 2.96
N ILE C 326 -40.76 0.41 3.93
CA ILE C 326 -40.00 1.66 3.86
C ILE C 326 -39.06 1.66 2.67
N GLU C 327 -38.34 0.56 2.47
CA GLU C 327 -37.41 0.45 1.35
C GLU C 327 -38.15 0.62 0.02
N ARG C 328 -39.29 -0.05 -0.10
CA ARG C 328 -40.06 0.05 -1.34
C ARG C 328 -40.56 1.48 -1.54
N ALA C 329 -41.09 2.10 -0.50
CA ALA C 329 -41.55 3.50 -0.60
C ALA C 329 -40.42 4.44 -1.04
N LEU C 330 -39.23 4.23 -0.48
CA LEU C 330 -38.08 5.02 -0.90
C LEU C 330 -37.74 4.84 -2.36
N LYS C 331 -37.72 3.59 -2.83
CA LYS C 331 -37.33 3.31 -4.19
C LYS C 331 -38.39 3.67 -5.26
N MET C 332 -39.62 3.81 -4.86
CA MET C 332 -40.72 4.17 -5.79
C MET C 332 -40.89 5.70 -5.99
N VAL C 333 -40.14 6.52 -5.27
CA VAL C 333 -40.35 7.97 -5.41
C VAL C 333 -40.04 8.47 -6.80
N GLN C 334 -40.73 9.53 -7.19
CA GLN C 334 -40.40 10.25 -8.39
C GLN C 334 -40.51 11.73 -8.00
N VAL C 335 -39.39 12.36 -7.75
CA VAL C 335 -39.35 13.73 -7.33
C VAL C 335 -38.32 14.55 -8.09
N GLN C 336 -38.58 15.85 -8.16
CA GLN C 336 -37.66 16.81 -8.76
C GLN C 336 -36.80 17.41 -7.69
N GLY C 337 -35.48 17.26 -7.81
CA GLY C 337 -34.56 17.76 -6.80
C GLY C 337 -33.54 18.71 -7.41
N MET C 338 -32.54 19.07 -6.61
CA MET C 338 -31.43 19.87 -7.08
C MET C 338 -30.64 19.10 -8.12
N THR C 339 -30.69 17.76 -8.07
CA THR C 339 -30.02 16.90 -9.05
C THR C 339 -30.98 16.36 -10.11
N GLY C 340 -32.05 17.11 -10.35
CA GLY C 340 -32.97 16.85 -11.44
C GLY C 340 -33.99 15.80 -11.06
N ASN C 341 -34.43 15.03 -12.06
CA ASN C 341 -35.43 14.01 -11.84
C ASN C 341 -34.80 12.90 -11.03
N ILE C 342 -35.45 12.55 -9.91
CA ILE C 342 -35.01 11.47 -9.02
C ILE C 342 -36.02 10.32 -9.04
N GLN C 343 -35.54 9.18 -9.55
CA GLN C 343 -36.22 7.89 -9.52
C GLN C 343 -35.16 6.80 -9.33
N PHE C 344 -35.60 5.65 -8.83
CA PHE C 344 -34.71 4.50 -8.58
C PHE C 344 -35.18 3.20 -9.20
N ASP C 345 -34.25 2.29 -9.47
CA ASP C 345 -34.61 0.94 -9.81
C ASP C 345 -34.67 0.12 -8.52
N THR C 346 -34.86 -1.17 -8.68
CA THR C 346 -35.09 -2.07 -7.56
C THR C 346 -33.85 -2.27 -6.67
N TYR C 347 -32.66 -1.95 -7.19
CA TYR C 347 -31.41 -1.99 -6.43
C TYR C 347 -31.03 -0.62 -5.83
N GLY C 348 -31.97 0.33 -5.85
CA GLY C 348 -31.71 1.67 -5.37
C GLY C 348 -30.75 2.53 -6.20
N ARG C 349 -30.54 2.18 -7.48
CA ARG C 349 -29.73 2.98 -8.37
C ARG C 349 -30.58 4.04 -9.02
N ARG C 350 -30.04 5.26 -9.16
CA ARG C 350 -30.74 6.27 -9.90
C ARG C 350 -31.06 5.78 -11.32
N THR C 351 -32.27 6.07 -11.77
CA THR C 351 -32.66 5.80 -13.12
C THR C 351 -33.42 7.03 -13.67
N ASN C 352 -33.39 7.17 -14.99
CA ASN C 352 -34.08 8.25 -15.67
C ASN C 352 -33.50 9.62 -15.21
N TYR C 353 -32.17 9.70 -15.08
CA TYR C 353 -31.46 10.91 -14.65
C TYR C 353 -30.78 11.48 -15.90
N THR C 354 -30.29 12.70 -15.77
CA THR C 354 -29.56 13.37 -16.81
C THR C 354 -28.22 13.82 -16.26
N ILE C 355 -27.17 13.67 -17.07
CA ILE C 355 -25.88 14.23 -16.76
C ILE C 355 -25.60 15.30 -17.80
N ASP C 356 -25.26 16.50 -17.33
CA ASP C 356 -24.90 17.58 -18.24
C ASP C 356 -23.40 17.50 -18.53
N VAL C 357 -23.02 17.80 -19.78
CA VAL C 357 -21.64 17.68 -20.22
C VAL C 357 -21.11 19.05 -20.52
N TYR C 358 -19.93 19.36 -19.97
CA TYR C 358 -19.32 20.69 -20.08
C TYR C 358 -18.01 20.61 -20.83
N GLU C 359 -17.80 21.61 -21.69
CA GLU C 359 -16.53 21.82 -22.36
C GLU C 359 -15.94 23.18 -22.03
N MET C 360 -14.64 23.17 -21.84
CA MET C 360 -13.82 24.39 -21.97
C MET C 360 -12.80 24.14 -23.07
N SER C 365 -16.11 27.66 -21.24
CA SER C 365 -16.70 27.08 -20.03
C SER C 365 -18.20 26.73 -20.15
N ARG C 366 -18.58 26.27 -21.35
CA ARG C 366 -20.01 26.09 -21.65
C ARG C 366 -20.53 24.65 -21.63
N LYS C 367 -21.85 24.58 -21.52
CA LYS C 367 -22.58 23.35 -21.49
C LYS C 367 -22.63 22.83 -22.92
N ALA C 368 -21.99 21.72 -23.21
CA ALA C 368 -21.84 21.20 -24.55
C ALA C 368 -22.96 20.26 -24.96
N GLY C 369 -23.73 19.80 -23.99
CA GLY C 369 -24.79 18.84 -24.26
C GLY C 369 -25.21 18.13 -23.01
N TYR C 370 -25.94 17.05 -23.22
CA TYR C 370 -26.42 16.24 -22.11
C TYR C 370 -26.40 14.76 -22.45
N TRP C 371 -26.48 13.95 -21.38
CA TRP C 371 -26.47 12.51 -21.48
C TRP C 371 -27.60 11.93 -20.64
N ASN C 372 -28.35 11.01 -21.22
CA ASN C 372 -29.27 10.18 -20.43
C ASN C 372 -29.22 8.74 -20.98
N GLU C 373 -29.80 7.81 -20.25
CA GLU C 373 -29.68 6.39 -20.57
C GLU C 373 -30.32 6.01 -21.92
N TYR C 374 -31.34 6.72 -22.36
CA TYR C 374 -32.07 6.35 -23.60
CA TYR C 374 -32.07 6.36 -23.58
C TYR C 374 -31.48 7.06 -24.81
N GLU C 375 -31.28 8.36 -24.72
CA GLU C 375 -30.69 9.13 -25.84
C GLU C 375 -29.18 9.05 -25.93
N ARG C 376 -28.52 8.57 -24.88
CA ARG C 376 -27.06 8.66 -24.78
C ARG C 376 -26.60 10.12 -24.90
N PHE C 377 -25.48 10.41 -25.55
CA PHE C 377 -24.96 11.77 -25.54
C PHE C 377 -25.62 12.56 -26.65
N VAL C 378 -26.25 13.68 -26.30
CA VAL C 378 -26.86 14.61 -27.25
C VAL C 378 -26.14 15.98 -27.22
N PRO C 379 -25.34 16.27 -28.28
CA PRO C 379 -24.61 17.53 -28.34
C PRO C 379 -25.48 18.71 -28.70
N PHE C 380 -25.20 19.88 -28.11
CA PHE C 380 -25.85 21.13 -28.57
C PHE C 380 -25.07 21.60 -29.78
C1 NAG D . 13.73 -31.72 18.28
C2 NAG D . 15.01 -32.52 17.98
C3 NAG D . 16.17 -31.55 17.74
C4 NAG D . 15.78 -30.48 16.71
C5 NAG D . 14.54 -29.75 17.20
C6 NAG D . 14.13 -28.56 16.33
C7 NAG D . 15.20 -34.72 19.12
C8 NAG D . 15.58 -35.39 20.43
N2 NAG D . 15.32 -33.38 19.12
O3 NAG D . 17.33 -32.25 17.27
O4 NAG D . 16.87 -29.56 16.53
O5 NAG D . 13.50 -30.74 17.24
O6 NAG D . 14.06 -28.94 14.94
O7 NAG D . 14.82 -35.37 18.17
C1 NAG E . -1.49 -24.94 -28.33
C2 NAG E . -1.52 -23.51 -28.90
C3 NAG E . -0.63 -23.41 -30.11
C4 NAG E . 0.76 -23.92 -29.83
C5 NAG E . 0.74 -25.29 -29.19
C6 NAG E . 2.16 -25.59 -28.69
C7 NAG E . -3.40 -21.96 -29.19
C8 NAG E . -4.80 -21.79 -29.73
N2 NAG E . -2.86 -23.17 -29.34
O3 NAG E . -0.51 -22.04 -30.50
O4 NAG E . 1.47 -24.01 -31.06
O5 NAG E . -0.15 -25.33 -28.06
O6 NAG E . 2.10 -26.89 -28.14
O7 NAG E . -2.81 -21.04 -28.64
C1 NAG F . 14.10 -17.86 -1.05
C2 NAG F . 15.28 -17.40 -0.18
C3 NAG F . 16.43 -18.41 -0.10
C4 NAG F . 15.90 -19.79 0.27
C5 NAG F . 14.79 -20.16 -0.70
C6 NAG F . 14.14 -21.51 -0.40
C7 NAG F . 15.44 -14.96 -0.07
C8 NAG F . 15.86 -13.70 -0.79
N2 NAG F . 15.66 -16.12 -0.74
O3 NAG F . 17.39 -18.03 0.91
O4 NAG F . 16.98 -20.73 0.13
O5 NAG F . 13.74 -19.19 -0.68
O6 NAG F . 13.14 -21.74 -1.44
O7 NAG F . 14.96 -14.93 1.05
P PO4 G . 9.83 -9.02 7.29
O1 PO4 G . 10.66 -9.88 6.36
O2 PO4 G . 10.24 -7.59 7.06
O3 PO4 G . 8.34 -9.02 6.99
O4 PO4 G . 10.09 -9.52 8.69
S DMS H . -13.36 -17.56 1.59
O DMS H . -11.91 -17.61 1.21
C1 DMS H . -14.26 -17.03 0.24
C2 DMS H . -13.92 -19.20 1.62
S DMS I . 2.53 -28.32 12.11
O DMS I . 2.44 -27.22 13.11
C1 DMS I . 3.10 -29.79 12.78
C2 DMS I . 0.97 -28.77 11.58
S DMS J . -7.69 -5.68 -5.23
O DMS J . -9.17 -5.67 -5.47
C1 DMS J . -7.23 -4.30 -4.32
C2 DMS J . -7.39 -6.95 -4.15
C1 NAG K . 12.15 -4.81 2.72
C2 NAG K . 11.59 -6.11 3.34
C3 NAG K . 10.12 -6.33 2.93
C4 NAG K . 9.35 -5.07 3.32
C5 NAG K . 9.99 -3.81 2.70
C6 NAG K . 9.28 -2.52 3.04
C7 NAG K . 13.13 -7.94 3.80
C8 NAG K . 13.90 -9.09 3.23
N2 NAG K . 12.39 -7.26 2.94
O3 NAG K . 9.62 -7.47 3.62
O4 NAG K . 8.02 -5.22 2.85
O5 NAG K . 11.32 -3.73 3.19
O6 NAG K . 9.21 -2.46 4.48
O7 NAG K . 13.20 -7.64 4.98
C1 NAG L . 26.46 12.89 -21.77
C2 NAG L . 27.19 12.08 -22.85
C3 NAG L . 26.85 12.62 -24.26
C4 NAG L . 25.37 12.99 -24.46
C5 NAG L . 24.87 13.86 -23.30
C6 NAG L . 23.42 14.32 -23.50
C7 NAG L . 29.33 11.20 -21.94
C8 NAG L . 30.82 11.41 -21.84
N2 NAG L . 28.64 12.12 -22.64
O3 NAG L . 27.23 11.62 -25.22
O4 NAG L . 25.19 13.69 -25.71
O5 NAG L . 25.07 13.12 -22.07
O6 NAG L . 23.32 15.75 -23.31
O7 NAG L . 28.81 10.24 -21.40
C1 NAG M . -0.58 6.15 19.45
C2 NAG M . -1.90 6.28 18.68
C3 NAG M . -2.29 4.95 18.01
C4 NAG M . -1.14 4.36 17.22
C5 NAG M . 0.17 4.35 18.03
C6 NAG M . 1.37 3.99 17.19
C7 NAG M . -3.70 7.82 19.38
C8 NAG M . -4.66 8.16 20.49
N2 NAG M . -2.91 6.76 19.61
O3 NAG M . -3.37 5.13 17.10
O4 NAG M . -1.50 3.01 16.87
O5 NAG M . 0.44 5.63 18.60
O6 NAG M . 2.22 3.16 17.96
O7 NAG M . -3.65 8.48 18.36
P PO4 N . 48.29 3.07 -14.21
O1 PO4 N . 49.14 4.15 -14.83
O2 PO4 N . 48.93 1.73 -14.39
O3 PO4 N . 46.91 3.05 -14.82
O4 PO4 N . 48.16 3.39 -12.76
P PO4 O . 16.86 34.15 21.19
O1 PO4 O . 16.59 34.73 19.82
O2 PO4 O . 17.41 32.74 21.10
O3 PO4 O . 15.57 34.10 21.96
O4 PO4 O . 17.88 35.05 21.89
P PO4 P . 13.46 -0.78 0.06
O1 PO4 P . 14.42 -1.69 -0.71
O2 PO4 P . 14.24 0.36 0.66
O3 PO4 P . 12.46 -0.26 -0.94
O4 PO4 P . 12.68 -1.57 1.10
P PO4 Q . 18.95 -8.82 12.48
O1 PO4 Q . 17.98 -8.49 11.35
O2 PO4 Q . 20.08 -7.84 12.50
O3 PO4 Q . 19.52 -10.20 12.29
O4 PO4 Q . 18.19 -8.73 13.78
P PO4 R . 3.42 20.94 12.48
O1 PO4 R . 4.42 21.54 11.52
O2 PO4 R . 2.88 19.65 11.91
O3 PO4 R . 2.29 21.94 12.69
O4 PO4 R . 4.08 20.62 13.80
S DMS S . 32.78 11.68 10.90
O DMS S . 31.70 10.75 10.37
C1 DMS S . 34.07 11.72 9.78
C2 DMS S . 32.17 13.27 10.70
S DMS T . 11.62 10.36 16.37
O DMS T . 11.72 9.42 17.51
C1 DMS T . 10.21 11.35 16.52
C2 DMS T . 12.87 11.52 16.33
C1 GOL U . 23.83 20.96 24.47
O1 GOL U . 22.66 20.15 24.40
C2 GOL U . 24.97 19.98 24.64
O2 GOL U . 24.84 19.14 23.52
C3 GOL U . 26.33 20.69 24.74
O3 GOL U . 27.08 20.70 23.52
C1 NAG V . -9.97 19.77 -28.69
C2 NAG V . -9.47 18.46 -29.32
C3 NAG V . -9.52 18.63 -30.85
C4 NAG V . -10.93 19.09 -31.28
C5 NAG V . -11.30 20.35 -30.53
C6 NAG V . -12.67 20.90 -30.91
C7 NAG V . -7.72 16.83 -28.71
C8 NAG V . -6.31 16.60 -28.26
N2 NAG V . -8.13 18.10 -28.86
O3 NAG V . -9.20 17.41 -31.54
O4 NAG V . -10.97 19.32 -32.69
O5 NAG V . -11.30 20.03 -29.13
O6 NAG V . -13.08 21.80 -29.86
O7 NAG V . -8.47 15.87 -28.91
C1 NAG W . -38.51 10.27 -16.74
C2 NAG W . -39.90 9.64 -16.78
C3 NAG W . -40.93 10.61 -17.37
C4 NAG W . -40.91 11.95 -16.61
C5 NAG W . -39.50 12.50 -16.61
C6 NAG W . -39.41 13.77 -15.79
C7 NAG W . -39.84 7.15 -17.03
C8 NAG W . -40.31 6.93 -15.63
N2 NAG W . -39.70 8.39 -17.51
O3 NAG W . -42.23 10.06 -17.22
O4 NAG W . -41.79 12.92 -17.18
O5 NAG W . -38.55 11.54 -16.07
O6 NAG W . -38.26 14.49 -16.24
O7 NAG W . -39.61 6.18 -17.73
P PO4 X . -38.91 0.48 -8.63
O1 PO4 X . -38.74 0.90 -10.06
O2 PO4 X . -39.12 -1.01 -8.56
O3 PO4 X . -40.12 1.19 -8.05
O4 PO4 X . -37.70 0.83 -7.81
S DMS Y . -17.70 9.32 1.42
O DMS Y . -18.56 9.38 0.18
C1 DMS Y . -16.09 8.91 0.97
C2 DMS Y . -17.39 10.90 2.03
S DMS Z . -36.86 19.41 1.39
O DMS Z . -37.76 18.31 1.85
C1 DMS Z . -36.88 20.61 2.58
C2 DMS Z . -35.23 18.92 1.51
#